data_6EFU
#
_entry.id   6EFU
#
_cell.length_a   91.612
_cell.length_b   96.213
_cell.length_c   96.445
_cell.angle_alpha   90.000
_cell.angle_beta   90.000
_cell.angle_gamma   90.000
#
_symmetry.space_group_name_H-M   'P 21 21 21'
#
loop_
_entity.id
_entity.type
_entity.pdbx_description
1 polymer Beta-glucosidase
2 non-polymer 'NITRATE ION'
3 water water
#
_entity_poly.entity_id   1
_entity_poly.type   'polypeptide(L)'
_entity_poly.pdbx_seq_one_letter_code
;HMLPKDFQWGFATAAYQIEGAIDKDGRGPSIWDTFCAIPGKIADGTSGVTACDSYNRTAEDIALLKSLGAKSYRFSISWS
RIIPKGGRDDPVNQLGIDHYAQFVDDLLEAGITPFITLFHWDLPEELHQRYGGLLNRTEFPLDFENYARVMFKALPKVRN
WITFNEPWCSAILGYGSGTFAPGRQSTTEPWIVGHNLLVAHGRAVKVYRDEFKDLNDGQIGIVLNGDFTYPWDSSDPLDR
EAAERRLEFFTAWYADPIYLGDYPASMRKQLGDRLPEFTPEEKAFVLGSNDFYGMNHYTSNYIRHRTSPATADDTVGNVD
VLFYNKEGQCIGPETESSWLRPCPAGFRDFLVWISKRYNYPKIYVTENGTSLKGENDLPKEKILEDDFRVNYYNEYIRAM
FTAATLDGVNVKGYFAWSLMDNFEWADGYVTRFGVTYVDYENGQQRFPKKSAKSLKPLFDELIAKE
;
_entity_poly.pdbx_strand_id   A,B
#
# COMPACT_ATOMS: atom_id res chain seq x y z
N HIS A 1 9.19 2.02 15.39
CA HIS A 1 9.79 3.07 14.59
C HIS A 1 11.30 2.82 14.39
N MET A 2 11.67 1.54 14.28
CA MET A 2 13.07 1.17 14.15
C MET A 2 13.29 -0.18 13.47
N LEU A 3 14.19 -0.22 12.49
CA LEU A 3 14.61 -1.48 11.86
C LEU A 3 15.51 -2.25 12.81
N PRO A 4 15.54 -3.59 12.67
CA PRO A 4 16.45 -4.43 13.47
C PRO A 4 17.91 -3.98 13.34
N LYS A 5 18.69 -4.19 14.40
CA LYS A 5 20.08 -3.74 14.43
C LYS A 5 20.97 -4.47 13.43
N ASP A 6 20.61 -5.72 13.14
CA ASP A 6 21.40 -6.53 12.22
C ASP A 6 20.96 -6.32 10.77
N PHE A 7 20.20 -5.26 10.53
CA PHE A 7 19.82 -4.87 9.18
C PHE A 7 21.05 -4.44 8.41
N GLN A 8 21.37 -5.16 7.33
CA GLN A 8 22.54 -4.82 6.51
C GLN A 8 22.17 -3.80 5.44
N TRP A 9 23.01 -2.79 5.26
CA TRP A 9 22.84 -1.88 4.13
C TRP A 9 24.20 -1.54 3.51
N GLY A 10 24.19 -1.17 2.23
CA GLY A 10 25.41 -0.85 1.53
C GLY A 10 25.17 -0.60 0.06
N PHE A 11 26.12 -1.01 -0.78
CA PHE A 11 26.06 -0.70 -2.21
C PHE A 11 26.27 -1.96 -3.05
N ALA A 12 25.90 -1.87 -4.32
CA ALA A 12 25.93 -3.03 -5.20
C ALA A 12 26.54 -2.70 -6.55
N THR A 13 27.42 -3.57 -7.03
CA THR A 13 27.98 -3.44 -8.37
C THR A 13 27.87 -4.79 -9.08
N ALA A 14 28.37 -4.81 -10.31
CA ALA A 14 28.53 -6.06 -11.06
C ALA A 14 29.92 -6.05 -11.67
N ALA A 15 30.50 -7.23 -11.84
CA ALA A 15 31.90 -7.35 -12.26
C ALA A 15 32.18 -6.65 -13.59
N TYR A 16 31.39 -6.94 -14.61
CA TYR A 16 31.71 -6.42 -15.93
C TYR A 16 31.50 -4.91 -15.99
N GLN A 17 30.72 -4.39 -15.05
CA GLN A 17 30.36 -2.98 -15.07
C GLN A 17 31.43 -2.09 -14.45
N ILE A 18 32.24 -2.62 -13.54
CA ILE A 18 33.24 -1.80 -12.86
C ILE A 18 34.69 -2.29 -12.96
N GLU A 19 34.89 -3.58 -13.18
CA GLU A 19 36.23 -4.16 -12.99
C GLU A 19 37.28 -3.77 -14.04
N GLY A 20 36.89 -3.75 -15.31
CA GLY A 20 37.87 -3.57 -16.36
C GLY A 20 38.83 -4.75 -16.36
N ALA A 21 40.07 -4.51 -16.77
CA ALA A 21 41.12 -5.53 -16.78
C ALA A 21 40.64 -6.85 -17.38
N ILE A 22 40.01 -6.75 -18.55
CA ILE A 22 39.36 -7.90 -19.18
C ILE A 22 40.36 -8.96 -19.62
N ASP A 23 41.59 -8.54 -19.90
CA ASP A 23 42.62 -9.47 -20.32
C ASP A 23 43.74 -9.53 -19.30
N LYS A 24 43.36 -9.64 -18.02
CA LYS A 24 44.32 -9.65 -16.93
C LYS A 24 44.22 -10.93 -16.12
N ASP A 25 45.38 -11.45 -15.70
CA ASP A 25 45.48 -12.64 -14.87
C ASP A 25 44.77 -13.86 -15.48
N GLY A 26 44.74 -13.92 -16.80
CA GLY A 26 44.21 -15.07 -17.50
C GLY A 26 42.70 -15.12 -17.62
N ARG A 27 42.04 -13.97 -17.52
CA ARG A 27 40.59 -13.93 -17.66
C ARG A 27 40.16 -14.29 -19.07
N GLY A 28 39.24 -15.23 -19.18
CA GLY A 28 38.66 -15.58 -20.46
C GLY A 28 37.61 -14.57 -20.86
N PRO A 29 37.22 -14.55 -22.14
CA PRO A 29 36.22 -13.63 -22.65
C PRO A 29 34.80 -14.07 -22.26
N SER A 30 33.94 -13.13 -21.88
CA SER A 30 32.55 -13.45 -21.61
C SER A 30 31.71 -13.13 -22.83
N ILE A 31 30.42 -13.47 -22.78
CA ILE A 31 29.54 -13.16 -23.89
C ILE A 31 29.36 -11.65 -24.05
N TRP A 32 29.60 -10.90 -22.98
CA TRP A 32 29.50 -9.45 -23.06
C TRP A 32 30.76 -8.81 -23.66
N ASP A 33 31.90 -9.49 -23.53
CA ASP A 33 33.11 -9.02 -24.21
C ASP A 33 32.90 -9.08 -25.72
N THR A 34 32.22 -10.12 -26.17
CA THR A 34 31.96 -10.32 -27.59
C THR A 34 30.78 -9.47 -28.08
N PHE A 35 29.79 -9.29 -27.22
CA PHE A 35 28.60 -8.52 -27.56
C PHE A 35 28.93 -7.07 -27.86
N CYS A 36 29.78 -6.48 -27.03
CA CYS A 36 30.21 -5.10 -27.20
C CYS A 36 31.03 -4.91 -28.46
N ALA A 37 31.63 -5.99 -28.94
CA ALA A 37 32.42 -5.95 -30.16
C ALA A 37 31.53 -5.76 -31.39
N ILE A 38 30.26 -6.12 -31.25
CA ILE A 38 29.30 -5.92 -32.33
C ILE A 38 28.85 -4.47 -32.41
N PRO A 39 29.08 -3.84 -33.57
CA PRO A 39 28.69 -2.44 -33.80
C PRO A 39 27.19 -2.23 -33.67
N GLY A 40 26.79 -1.18 -32.96
CA GLY A 40 25.39 -0.83 -32.84
C GLY A 40 24.70 -1.41 -31.61
N LYS A 41 25.31 -2.42 -31.00
CA LYS A 41 24.71 -3.03 -29.82
C LYS A 41 24.80 -2.11 -28.61
N ILE A 42 25.92 -1.41 -28.50
CA ILE A 42 26.11 -0.46 -27.41
C ILE A 42 25.94 0.97 -27.93
N ALA A 43 25.14 1.75 -27.21
CA ALA A 43 24.77 3.10 -27.65
C ALA A 43 25.96 4.00 -27.93
N ASP A 44 26.86 4.14 -26.95
CA ASP A 44 28.01 5.01 -27.09
C ASP A 44 29.20 4.27 -27.69
N GLY A 45 28.94 3.10 -28.23
CA GLY A 45 29.98 2.27 -28.84
C GLY A 45 31.09 1.86 -27.90
N THR A 46 30.75 1.65 -26.63
CA THR A 46 31.77 1.31 -25.64
C THR A 46 31.65 -0.12 -25.09
N SER A 47 32.42 -0.38 -24.04
CA SER A 47 32.47 -1.68 -23.39
C SER A 47 33.03 -1.53 -21.98
N GLY A 48 33.47 -2.64 -21.39
CA GLY A 48 33.99 -2.62 -20.03
C GLY A 48 35.46 -2.99 -19.89
N VAL A 49 36.27 -2.59 -20.87
CA VAL A 49 37.69 -2.92 -20.86
C VAL A 49 38.43 -2.17 -19.76
N THR A 50 38.02 -0.93 -19.52
CA THR A 50 38.59 -0.17 -18.42
C THR A 50 37.57 0.00 -17.30
N ALA A 51 36.35 0.41 -17.67
CA ALA A 51 35.29 0.66 -16.71
C ALA A 51 35.77 1.58 -15.60
N CYS A 52 35.69 1.08 -14.36
CA CYS A 52 36.17 1.82 -13.20
C CYS A 52 37.54 1.33 -12.75
N ASP A 53 38.10 0.38 -13.49
CA ASP A 53 39.38 -0.23 -13.14
C ASP A 53 39.37 -0.73 -11.69
N SER A 54 38.24 -1.25 -11.25
CA SER A 54 38.10 -1.69 -9.86
C SER A 54 38.89 -2.95 -9.57
N TYR A 55 39.23 -3.71 -10.61
CA TYR A 55 40.09 -4.88 -10.43
C TYR A 55 41.43 -4.45 -9.86
N ASN A 56 41.88 -3.25 -10.24
CA ASN A 56 43.18 -2.74 -9.79
C ASN A 56 43.08 -1.79 -8.59
N ARG A 57 41.86 -1.42 -8.21
CA ARG A 57 41.67 -0.44 -7.14
C ARG A 57 40.81 -0.98 -5.99
N THR A 58 41.08 -2.23 -5.60
CA THR A 58 40.31 -2.86 -4.53
C THR A 58 40.46 -2.12 -3.19
N ALA A 59 41.66 -1.65 -2.89
CA ALA A 59 41.90 -0.90 -1.66
C ALA A 59 41.17 0.44 -1.68
N GLU A 60 41.06 1.03 -2.87
CA GLU A 60 40.44 2.35 -3.02
C GLU A 60 38.91 2.30 -2.89
N ASP A 61 38.31 1.26 -3.49
CA ASP A 61 36.86 1.11 -3.40
C ASP A 61 36.45 0.73 -1.98
N ILE A 62 37.21 -0.18 -1.37
CA ILE A 62 36.94 -0.61 -0.01
C ILE A 62 37.02 0.58 0.95
N ALA A 63 38.00 1.45 0.72
CA ALA A 63 38.12 2.67 1.52
C ALA A 63 36.92 3.59 1.29
N LEU A 64 36.45 3.65 0.04
CA LEU A 64 35.27 4.47 -0.27
C LEU A 64 34.03 3.92 0.43
N LEU A 65 33.82 2.61 0.29
CA LEU A 65 32.71 1.93 0.96
C LEU A 65 32.66 2.24 2.45
N LYS A 66 33.84 2.34 3.07
CA LYS A 66 33.95 2.72 4.50
C LYS A 66 33.59 4.17 4.69
N SER A 67 34.07 5.01 3.78
CA SER A 67 33.88 6.45 3.85
C SER A 67 32.39 6.79 3.90
N LEU A 68 31.60 5.98 3.22
CA LEU A 68 30.16 6.19 3.17
C LEU A 68 29.45 5.39 4.25
N GLY A 69 30.22 4.62 5.01
CA GLY A 69 29.71 3.87 6.15
C GLY A 69 28.92 2.62 5.80
N ALA A 70 29.28 1.95 4.71
CA ALA A 70 28.59 0.76 4.27
C ALA A 70 28.85 -0.43 5.21
N LYS A 71 27.78 -1.11 5.62
CA LYS A 71 27.90 -2.29 6.46
C LYS A 71 28.09 -3.54 5.60
N SER A 72 27.64 -3.46 4.35
CA SER A 72 27.75 -4.58 3.43
C SER A 72 28.06 -4.09 2.03
N TYR A 73 28.50 -5.01 1.19
CA TYR A 73 28.84 -4.68 -0.18
C TYR A 73 28.50 -5.82 -1.12
N ARG A 74 27.60 -5.56 -2.07
CA ARG A 74 27.22 -6.56 -3.04
C ARG A 74 28.02 -6.40 -4.33
N PHE A 75 28.70 -7.48 -4.73
CA PHE A 75 29.47 -7.49 -5.96
C PHE A 75 29.35 -8.86 -6.62
N SER A 76 29.80 -8.97 -7.86
CA SER A 76 29.70 -10.25 -8.57
C SER A 76 31.06 -10.82 -8.89
N ILE A 77 31.10 -12.15 -9.01
CA ILE A 77 32.29 -12.85 -9.47
C ILE A 77 32.27 -12.97 -10.98
N SER A 78 33.35 -12.55 -11.62
CA SER A 78 33.53 -12.82 -13.04
C SER A 78 33.85 -14.29 -13.23
N TRP A 79 32.90 -15.04 -13.78
CA TRP A 79 33.06 -16.48 -14.00
C TRP A 79 34.34 -16.79 -14.77
N SER A 80 34.60 -16.03 -15.83
CA SER A 80 35.75 -16.34 -16.68
C SER A 80 37.09 -15.92 -16.08
N ARG A 81 37.09 -15.41 -14.85
CA ARG A 81 38.34 -15.18 -14.13
C ARG A 81 38.69 -16.41 -13.29
N ILE A 82 37.65 -17.12 -12.86
CA ILE A 82 37.82 -18.34 -12.08
C ILE A 82 38.06 -19.53 -12.99
N ILE A 83 37.16 -19.72 -13.95
CA ILE A 83 37.32 -20.73 -14.98
C ILE A 83 37.19 -20.04 -16.34
N PRO A 84 38.33 -19.69 -16.94
CA PRO A 84 38.37 -18.91 -18.18
C PRO A 84 37.52 -19.50 -19.31
N LYS A 85 37.46 -20.83 -19.39
CA LYS A 85 36.61 -21.48 -20.39
C LYS A 85 35.26 -21.88 -19.81
N GLY A 86 35.10 -21.71 -18.48
CA GLY A 86 33.82 -21.85 -17.83
C GLY A 86 33.40 -23.24 -17.40
N GLY A 87 33.73 -24.25 -18.21
CA GLY A 87 33.21 -25.59 -18.01
C GLY A 87 33.76 -26.33 -16.81
N ARG A 88 33.06 -27.38 -16.40
CA ARG A 88 33.44 -28.19 -15.25
C ARG A 88 34.63 -29.12 -15.56
N ASP A 89 35.07 -29.09 -16.81
CA ASP A 89 36.21 -29.92 -17.23
C ASP A 89 37.41 -29.04 -17.59
N ASP A 90 37.27 -27.74 -17.34
CA ASP A 90 38.28 -26.78 -17.78
C ASP A 90 39.21 -26.35 -16.64
N PRO A 91 40.43 -25.90 -17.01
CA PRO A 91 41.40 -25.41 -16.01
C PRO A 91 40.85 -24.29 -15.15
N VAL A 92 41.08 -24.38 -13.84
CA VAL A 92 40.67 -23.34 -12.92
C VAL A 92 41.80 -22.33 -12.69
N ASN A 93 41.46 -21.05 -12.77
CA ASN A 93 42.46 -20.00 -12.64
C ASN A 93 42.64 -19.56 -11.19
N GLN A 94 43.79 -19.87 -10.60
CA GLN A 94 44.01 -19.56 -9.19
C GLN A 94 44.17 -18.05 -8.97
N LEU A 95 44.83 -17.36 -9.89
CA LEU A 95 45.00 -15.92 -9.80
C LEU A 95 43.66 -15.19 -9.75
N GLY A 96 42.66 -15.72 -10.45
CA GLY A 96 41.33 -15.16 -10.40
C GLY A 96 40.73 -15.37 -9.02
N ILE A 97 40.85 -16.60 -8.53
CA ILE A 97 40.35 -16.95 -7.20
C ILE A 97 41.04 -16.12 -6.12
N ASP A 98 42.35 -15.99 -6.22
CA ASP A 98 43.14 -15.25 -5.24
C ASP A 98 42.72 -13.79 -5.18
N HIS A 99 42.46 -13.20 -6.33
CA HIS A 99 42.04 -11.81 -6.40
C HIS A 99 40.78 -11.55 -5.58
N TYR A 100 39.83 -12.50 -5.62
CA TYR A 100 38.59 -12.36 -4.88
C TYR A 100 38.74 -12.80 -3.43
N ALA A 101 39.57 -13.81 -3.19
CA ALA A 101 39.85 -14.30 -1.84
C ALA A 101 40.48 -13.20 -1.01
N GLN A 102 41.40 -12.46 -1.63
CA GLN A 102 42.06 -11.34 -0.99
C GLN A 102 41.07 -10.18 -0.81
N PHE A 103 40.14 -10.06 -1.76
CA PHE A 103 39.14 -9.00 -1.69
C PHE A 103 38.18 -9.23 -0.55
N VAL A 104 37.80 -10.48 -0.32
CA VAL A 104 36.94 -10.84 0.79
C VAL A 104 37.64 -10.59 2.13
N ASP A 105 38.89 -11.06 2.24
CA ASP A 105 39.68 -10.84 3.44
C ASP A 105 39.82 -9.34 3.74
N ASP A 106 40.04 -8.55 2.70
CA ASP A 106 40.20 -7.10 2.85
C ASP A 106 38.90 -6.47 3.34
N LEU A 107 37.78 -7.00 2.88
CA LEU A 107 36.46 -6.54 3.35
C LEU A 107 36.21 -6.97 4.80
N LEU A 108 36.47 -8.24 5.09
CA LEU A 108 36.26 -8.78 6.44
C LEU A 108 37.09 -8.03 7.48
N GLU A 109 38.31 -7.67 7.10
CA GLU A 109 39.20 -6.92 7.95
C GLU A 109 38.63 -5.55 8.24
N ALA A 110 37.91 -5.01 7.27
CA ALA A 110 37.31 -3.69 7.38
C ALA A 110 35.80 -3.85 7.60
N GLY A 111 35.44 -4.72 8.55
CA GLY A 111 34.06 -5.04 8.85
C GLY A 111 32.98 -4.73 7.85
N ILE A 112 33.20 -5.12 6.60
CA ILE A 112 32.19 -4.97 5.56
C ILE A 112 31.80 -6.35 5.03
N THR A 113 30.54 -6.71 5.24
CA THR A 113 30.06 -8.04 4.88
C THR A 113 29.85 -8.18 3.37
N PRO A 114 30.56 -9.13 2.75
CA PRO A 114 30.41 -9.34 1.31
C PRO A 114 29.12 -10.05 0.94
N PHE A 115 28.40 -9.50 -0.02
CA PHE A 115 27.27 -10.18 -0.65
C PHE A 115 27.67 -10.51 -2.07
N ILE A 116 27.86 -11.78 -2.37
CA ILE A 116 28.48 -12.16 -3.63
C ILE A 116 27.51 -12.74 -4.66
N THR A 117 27.51 -12.17 -5.86
CA THR A 117 26.70 -12.66 -6.96
C THR A 117 27.53 -13.60 -7.85
N LEU A 118 27.16 -14.87 -7.90
CA LEU A 118 27.90 -15.84 -8.70
C LEU A 118 27.83 -15.53 -10.20
N PHE A 119 26.63 -15.18 -10.67
CA PHE A 119 26.44 -14.93 -12.11
C PHE A 119 25.70 -13.62 -12.37
N HIS A 120 26.42 -12.67 -12.96
CA HIS A 120 25.82 -11.40 -13.35
C HIS A 120 26.01 -11.18 -14.85
N TRP A 121 25.48 -12.11 -15.63
CA TRP A 121 25.30 -12.00 -17.09
C TRP A 121 26.57 -12.26 -17.89
N ASP A 122 27.72 -12.28 -17.21
CA ASP A 122 28.99 -12.44 -17.91
C ASP A 122 29.40 -13.90 -18.06
N LEU A 123 28.57 -14.66 -18.77
CA LEU A 123 28.84 -16.07 -19.07
C LEU A 123 30.08 -16.22 -19.95
N PRO A 124 30.99 -17.14 -19.57
CA PRO A 124 32.17 -17.41 -20.39
C PRO A 124 31.79 -17.72 -21.83
N GLU A 125 32.44 -17.03 -22.77
CA GLU A 125 32.14 -17.17 -24.19
C GLU A 125 32.25 -18.62 -24.67
N GLU A 126 33.27 -19.32 -24.17
CA GLU A 126 33.54 -20.71 -24.55
C GLU A 126 32.33 -21.61 -24.32
N LEU A 127 31.62 -21.41 -23.22
CA LEU A 127 30.44 -22.20 -22.94
C LEU A 127 29.32 -21.92 -23.95
N HIS A 128 29.17 -20.67 -24.34
CA HIS A 128 28.20 -20.29 -25.35
C HIS A 128 28.51 -21.00 -26.67
N GLN A 129 29.80 -21.06 -27.00
CA GLN A 129 30.24 -21.64 -28.27
C GLN A 129 30.27 -23.16 -28.25
N ARG A 130 30.54 -23.71 -27.07
CA ARG A 130 30.76 -25.16 -26.95
C ARG A 130 29.46 -25.93 -27.08
N TYR A 131 28.42 -25.48 -26.37
CA TYR A 131 27.18 -26.23 -26.39
C TYR A 131 25.91 -25.37 -26.40
N GLY A 132 26.05 -24.06 -26.57
CA GLY A 132 24.88 -23.19 -26.64
C GLY A 132 24.63 -22.36 -25.39
N GLY A 133 25.55 -22.41 -24.44
CA GLY A 133 25.48 -21.60 -23.23
C GLY A 133 24.21 -21.79 -22.41
N LEU A 134 23.55 -20.67 -22.10
CA LEU A 134 22.34 -20.67 -21.27
C LEU A 134 21.21 -21.50 -21.90
N LEU A 135 21.25 -21.65 -23.21
CA LEU A 135 20.18 -22.29 -23.95
C LEU A 135 20.15 -23.81 -23.77
N ASN A 136 21.22 -24.35 -23.17
CA ASN A 136 21.40 -25.79 -23.10
C ASN A 136 20.90 -26.38 -21.79
N ARG A 137 19.81 -27.14 -21.87
CA ARG A 137 19.13 -27.68 -20.70
C ARG A 137 19.99 -28.67 -19.90
N THR A 138 20.92 -29.32 -20.57
CA THR A 138 21.69 -30.38 -19.94
C THR A 138 23.04 -29.89 -19.39
N GLU A 139 23.75 -29.13 -20.20
CA GLU A 139 25.13 -28.79 -19.89
C GLU A 139 25.29 -27.58 -18.97
N PHE A 140 24.51 -26.53 -19.20
CA PHE A 140 24.72 -25.32 -18.42
C PHE A 140 24.46 -25.48 -16.92
N PRO A 141 23.34 -26.15 -16.52
CA PRO A 141 23.16 -26.28 -15.06
C PRO A 141 24.29 -27.06 -14.39
N LEU A 142 24.89 -28.01 -15.11
CA LEU A 142 26.00 -28.79 -14.57
C LEU A 142 27.26 -27.93 -14.45
N ASP A 143 27.48 -27.07 -15.42
CA ASP A 143 28.66 -26.20 -15.39
C ASP A 143 28.51 -25.12 -14.33
N PHE A 144 27.30 -24.58 -14.17
CA PHE A 144 27.05 -23.58 -13.15
C PHE A 144 27.18 -24.19 -11.77
N GLU A 145 26.62 -25.38 -11.60
CA GLU A 145 26.71 -26.10 -10.34
C GLU A 145 28.15 -26.26 -9.89
N ASN A 146 29.02 -26.64 -10.82
CA ASN A 146 30.44 -26.82 -10.52
C ASN A 146 31.13 -25.50 -10.18
N TYR A 147 30.82 -24.47 -10.97
CA TYR A 147 31.38 -23.15 -10.78
C TYR A 147 30.98 -22.60 -9.41
N ALA A 148 29.78 -22.95 -8.98
CA ALA A 148 29.29 -22.57 -7.67
C ALA A 148 30.06 -23.33 -6.59
N ARG A 149 30.25 -24.61 -6.82
CA ARG A 149 30.98 -25.46 -5.89
C ARG A 149 32.39 -24.90 -5.68
N VAL A 150 33.07 -24.62 -6.79
CA VAL A 150 34.43 -24.07 -6.76
C VAL A 150 34.50 -22.79 -5.92
N MET A 151 33.53 -21.91 -6.10
CA MET A 151 33.54 -20.65 -5.37
C MET A 151 33.20 -20.86 -3.90
N PHE A 152 32.33 -21.81 -3.60
CA PHE A 152 32.01 -22.15 -2.22
C PHE A 152 33.25 -22.63 -1.46
N LYS A 153 34.07 -23.45 -2.11
CA LYS A 153 35.32 -23.92 -1.50
C LYS A 153 36.34 -22.79 -1.40
N ALA A 154 36.40 -21.98 -2.45
CA ALA A 154 37.41 -20.94 -2.56
C ALA A 154 37.21 -19.84 -1.52
N LEU A 155 35.96 -19.59 -1.17
CA LEU A 155 35.64 -18.50 -0.26
C LEU A 155 34.84 -18.97 0.94
N PRO A 156 35.51 -19.65 1.90
CA PRO A 156 34.89 -20.23 3.09
C PRO A 156 34.36 -19.15 4.03
N LYS A 157 34.96 -17.98 3.99
CA LYS A 157 34.58 -16.89 4.88
C LYS A 157 33.28 -16.19 4.46
N VAL A 158 32.87 -16.37 3.21
CA VAL A 158 31.64 -15.73 2.73
C VAL A 158 30.41 -16.53 3.15
N ARG A 159 29.42 -15.83 3.70
CA ARG A 159 28.20 -16.46 4.21
C ARG A 159 26.94 -15.98 3.52
N ASN A 160 27.10 -15.14 2.50
CA ASN A 160 25.96 -14.60 1.78
C ASN A 160 26.14 -14.76 0.27
N TRP A 161 25.39 -15.69 -0.30
CA TRP A 161 25.57 -16.03 -1.71
C TRP A 161 24.32 -15.77 -2.53
N ILE A 162 24.56 -15.30 -3.75
CA ILE A 162 23.53 -15.15 -4.75
C ILE A 162 23.91 -15.96 -5.98
N THR A 163 22.97 -16.74 -6.49
CA THR A 163 23.21 -17.51 -7.70
C THR A 163 23.15 -16.62 -8.94
N PHE A 164 21.94 -16.35 -9.41
CA PHE A 164 21.74 -15.53 -10.61
C PHE A 164 21.20 -14.15 -10.30
N ASN A 165 21.75 -13.15 -10.99
CA ASN A 165 21.17 -11.81 -10.95
C ASN A 165 20.27 -11.58 -12.15
N GLU A 166 19.00 -11.33 -11.87
CA GLU A 166 18.03 -10.98 -12.91
C GLU A 166 18.03 -11.93 -14.11
N PRO A 167 17.64 -13.19 -13.88
CA PRO A 167 17.52 -14.15 -14.98
C PRO A 167 16.56 -13.64 -16.06
N TRP A 168 15.58 -12.84 -15.65
CA TRP A 168 14.64 -12.25 -16.58
C TRP A 168 15.36 -11.49 -17.69
N CYS A 169 16.43 -10.79 -17.32
CA CYS A 169 17.21 -10.04 -18.30
C CYS A 169 17.96 -10.96 -19.24
N SER A 170 18.65 -11.94 -18.67
CA SER A 170 19.41 -12.91 -19.45
C SER A 170 18.53 -13.62 -20.49
N ALA A 171 17.26 -13.83 -20.14
CA ALA A 171 16.33 -14.56 -21.01
C ALA A 171 15.62 -13.64 -22.00
N ILE A 172 14.87 -12.67 -21.48
CA ILE A 172 14.05 -11.81 -22.33
C ILE A 172 14.90 -10.89 -23.21
N LEU A 173 15.88 -10.23 -22.60
CA LEU A 173 16.69 -9.27 -23.32
C LEU A 173 17.82 -9.95 -24.08
N GLY A 174 18.26 -11.10 -23.57
CA GLY A 174 19.33 -11.83 -24.21
C GLY A 174 18.88 -12.70 -25.37
N TYR A 175 17.63 -13.18 -25.31
CA TYR A 175 17.15 -14.14 -26.31
C TYR A 175 15.83 -13.72 -26.96
N GLY A 176 15.17 -12.71 -26.42
CA GLY A 176 13.92 -12.24 -26.99
C GLY A 176 14.08 -11.01 -27.86
N SER A 177 14.52 -9.90 -27.26
CA SER A 177 14.70 -8.67 -28.01
C SER A 177 16.13 -8.57 -28.55
N GLY A 178 17.04 -9.33 -27.95
CA GLY A 178 18.42 -9.35 -28.39
C GLY A 178 19.19 -8.09 -28.05
N THR A 179 18.68 -7.30 -27.12
CA THR A 179 19.34 -6.06 -26.73
C THR A 179 20.52 -6.32 -25.79
N PHE A 180 20.49 -7.46 -25.11
CA PHE A 180 21.63 -7.87 -24.26
C PHE A 180 22.28 -9.11 -24.87
N ALA A 181 23.51 -9.40 -24.44
CA ALA A 181 24.21 -10.61 -24.84
C ALA A 181 23.41 -11.87 -24.52
N PRO A 182 23.43 -12.86 -25.43
CA PRO A 182 24.18 -12.91 -26.69
C PRO A 182 23.48 -12.27 -27.90
N GLY A 183 22.38 -11.55 -27.67
CA GLY A 183 21.75 -10.83 -28.74
C GLY A 183 20.93 -11.66 -29.72
N ARG A 184 20.41 -12.80 -29.25
CA ARG A 184 19.51 -13.58 -30.09
C ARG A 184 18.08 -13.04 -29.97
N GLN A 185 17.29 -13.28 -31.00
CA GLN A 185 15.90 -12.84 -31.01
C GLN A 185 15.01 -14.00 -31.38
N SER A 186 14.21 -14.46 -30.41
CA SER A 186 13.41 -15.66 -30.57
C SER A 186 12.09 -15.54 -29.84
N THR A 187 11.12 -16.35 -30.26
CA THR A 187 9.82 -16.36 -29.64
C THR A 187 9.69 -17.55 -28.70
N THR A 188 10.70 -18.38 -28.69
CA THR A 188 10.67 -19.63 -27.94
C THR A 188 11.83 -19.75 -26.95
N GLU A 189 13.00 -19.28 -27.36
CA GLU A 189 14.21 -19.51 -26.58
C GLU A 189 14.24 -18.82 -25.20
N PRO A 190 13.71 -17.59 -25.07
CA PRO A 190 13.73 -17.00 -23.72
C PRO A 190 13.08 -17.88 -22.67
N TRP A 191 11.99 -18.54 -23.02
CA TRP A 191 11.28 -19.42 -22.10
C TRP A 191 12.08 -20.69 -21.79
N ILE A 192 12.97 -21.07 -22.71
CA ILE A 192 13.86 -22.20 -22.50
C ILE A 192 15.05 -21.79 -21.63
N VAL A 193 15.59 -20.61 -21.89
CA VAL A 193 16.67 -20.04 -21.10
C VAL A 193 16.25 -19.84 -19.65
N GLY A 194 15.07 -19.26 -19.45
CA GLY A 194 14.55 -19.03 -18.11
C GLY A 194 14.47 -20.31 -17.30
N HIS A 195 14.07 -21.40 -17.95
CA HIS A 195 14.00 -22.71 -17.33
C HIS A 195 15.37 -23.23 -16.91
N ASN A 196 16.35 -23.03 -17.77
CA ASN A 196 17.70 -23.52 -17.49
C ASN A 196 18.32 -22.76 -16.33
N LEU A 197 18.13 -21.45 -16.31
CA LEU A 197 18.64 -20.64 -15.21
C LEU A 197 18.10 -21.15 -13.87
N LEU A 198 16.81 -21.48 -13.85
CA LEU A 198 16.16 -22.01 -12.66
C LEU A 198 16.78 -23.32 -12.19
N VAL A 199 17.03 -24.23 -13.12
CA VAL A 199 17.58 -25.52 -12.76
C VAL A 199 19.01 -25.37 -12.25
N ALA A 200 19.80 -24.54 -12.93
CA ALA A 200 21.15 -24.22 -12.49
C ALA A 200 21.14 -23.64 -11.08
N HIS A 201 20.20 -22.74 -10.83
CA HIS A 201 20.02 -22.17 -9.51
C HIS A 201 19.80 -23.27 -8.48
N GLY A 202 18.81 -24.12 -8.75
CA GLY A 202 18.48 -25.22 -7.85
C GLY A 202 19.66 -26.12 -7.59
N ARG A 203 20.43 -26.42 -8.63
CA ARG A 203 21.60 -27.26 -8.50
C ARG A 203 22.65 -26.64 -7.57
N ALA A 204 22.89 -25.34 -7.70
CA ALA A 204 23.92 -24.69 -6.91
C ALA A 204 23.49 -24.60 -5.44
N VAL A 205 22.21 -24.38 -5.23
CA VAL A 205 21.67 -24.23 -3.87
C VAL A 205 21.78 -25.54 -3.12
N LYS A 206 21.47 -26.64 -3.78
CA LYS A 206 21.56 -27.95 -3.13
C LYS A 206 22.99 -28.25 -2.71
N VAL A 207 23.93 -27.98 -3.61
CA VAL A 207 25.35 -28.19 -3.32
C VAL A 207 25.79 -27.35 -2.13
N TYR A 208 25.31 -26.11 -2.07
CA TYR A 208 25.65 -25.21 -0.96
C TYR A 208 25.12 -25.71 0.38
N ARG A 209 23.84 -26.05 0.41
CA ARG A 209 23.18 -26.49 1.63
C ARG A 209 23.76 -27.81 2.17
N ASP A 210 24.14 -28.70 1.25
CA ASP A 210 24.60 -30.03 1.63
C ASP A 210 26.05 -30.05 2.12
N GLU A 211 26.88 -29.13 1.61
CA GLU A 211 28.32 -29.22 1.84
C GLU A 211 28.94 -27.97 2.45
N PHE A 212 28.28 -26.83 2.34
CA PHE A 212 28.93 -25.57 2.73
C PHE A 212 28.11 -24.70 3.69
N LYS A 213 26.78 -24.78 3.60
CA LYS A 213 25.92 -23.92 4.39
C LYS A 213 26.10 -24.08 5.90
N ASP A 214 26.16 -25.32 6.38
CA ASP A 214 26.27 -25.57 7.81
C ASP A 214 27.67 -25.34 8.36
N LEU A 215 28.61 -25.00 7.48
CA LEU A 215 29.99 -24.75 7.91
C LEU A 215 30.13 -23.41 8.64
N ASN A 216 29.27 -22.46 8.30
CA ASN A 216 29.32 -21.14 8.91
C ASN A 216 27.96 -20.45 8.98
N ASP A 217 26.89 -21.25 8.90
CA ASP A 217 25.52 -20.75 8.99
C ASP A 217 25.25 -19.64 7.97
N GLY A 218 25.39 -19.98 6.69
CA GLY A 218 25.21 -19.01 5.62
C GLY A 218 23.84 -19.09 4.98
N GLN A 219 23.69 -18.38 3.86
CA GLN A 219 22.43 -18.38 3.12
C GLN A 219 22.64 -18.09 1.65
N ILE A 220 21.79 -18.69 0.81
CA ILE A 220 21.90 -18.54 -0.63
C ILE A 220 20.52 -18.25 -1.21
N GLY A 221 20.49 -17.48 -2.30
CA GLY A 221 19.23 -17.14 -2.93
C GLY A 221 19.43 -16.60 -4.34
N ILE A 222 18.35 -16.54 -5.11
CA ILE A 222 18.37 -15.93 -6.42
C ILE A 222 17.89 -14.49 -6.33
N VAL A 223 18.30 -13.67 -7.29
CA VAL A 223 17.91 -12.25 -7.31
C VAL A 223 16.98 -11.96 -8.48
N LEU A 224 15.76 -11.53 -8.17
CA LEU A 224 14.75 -11.28 -9.20
C LEU A 224 14.41 -9.80 -9.28
N ASN A 225 14.45 -9.25 -10.49
CA ASN A 225 14.02 -7.87 -10.66
C ASN A 225 12.53 -7.86 -10.91
N GLY A 226 11.96 -6.68 -11.08
CA GLY A 226 10.51 -6.56 -11.20
C GLY A 226 10.03 -5.20 -10.74
N ASP A 227 9.30 -4.53 -11.63
CA ASP A 227 8.71 -3.24 -11.33
C ASP A 227 7.22 -3.43 -11.02
N PHE A 228 6.71 -2.69 -10.04
CA PHE A 228 5.31 -2.89 -9.65
C PHE A 228 4.35 -2.32 -10.70
N THR A 229 3.07 -2.65 -10.56
CA THR A 229 2.09 -2.34 -11.57
C THR A 229 0.81 -1.75 -10.99
N TYR A 230 0.18 -0.89 -11.77
CA TYR A 230 -1.12 -0.33 -11.41
C TYR A 230 -2.01 -0.31 -12.65
N PRO A 231 -3.33 -0.52 -12.46
CA PRO A 231 -4.25 -0.57 -13.60
C PRO A 231 -4.27 0.75 -14.35
N TRP A 232 -4.23 0.67 -15.68
CA TRP A 232 -4.31 1.87 -16.50
C TRP A 232 -5.68 2.51 -16.34
N ASP A 233 -6.70 1.65 -16.29
CA ASP A 233 -8.06 2.06 -15.96
C ASP A 233 -8.59 1.10 -14.91
N SER A 234 -8.72 1.57 -13.66
CA SER A 234 -9.04 0.67 -12.57
C SER A 234 -10.51 0.26 -12.61
N SER A 235 -11.30 0.98 -13.40
CA SER A 235 -12.71 0.62 -13.56
C SER A 235 -12.86 -0.57 -14.49
N ASP A 236 -11.80 -0.89 -15.23
CA ASP A 236 -11.82 -2.06 -16.10
C ASP A 236 -11.10 -3.22 -15.42
N PRO A 237 -11.85 -4.29 -15.10
CA PRO A 237 -11.26 -5.47 -14.47
C PRO A 237 -10.17 -6.11 -15.33
N LEU A 238 -10.26 -5.95 -16.65
CA LEU A 238 -9.22 -6.46 -17.54
C LEU A 238 -7.87 -5.79 -17.26
N ASP A 239 -7.90 -4.54 -16.83
CA ASP A 239 -6.67 -3.83 -16.49
C ASP A 239 -6.13 -4.27 -15.12
N ARG A 240 -7.02 -4.52 -14.17
CA ARG A 240 -6.62 -5.03 -12.87
C ARG A 240 -5.92 -6.37 -13.03
N GLU A 241 -6.53 -7.24 -13.81
CA GLU A 241 -5.94 -8.55 -14.10
C GLU A 241 -4.63 -8.39 -14.87
N ALA A 242 -4.61 -7.50 -15.86
CA ALA A 242 -3.41 -7.25 -16.66
C ALA A 242 -2.23 -6.87 -15.78
N ALA A 243 -2.48 -5.97 -14.83
CA ALA A 243 -1.44 -5.49 -13.93
C ALA A 243 -0.89 -6.63 -13.08
N GLU A 244 -1.75 -7.56 -12.70
CA GLU A 244 -1.34 -8.71 -11.90
C GLU A 244 -0.57 -9.71 -12.75
N ARG A 245 -1.09 -9.99 -13.94
CA ARG A 245 -0.46 -10.94 -14.86
C ARG A 245 0.92 -10.44 -15.25
N ARG A 246 1.08 -9.13 -15.34
CA ARG A 246 2.34 -8.54 -15.75
C ARG A 246 3.42 -8.81 -14.69
N LEU A 247 3.05 -8.77 -13.42
CA LEU A 247 3.97 -9.15 -12.35
C LEU A 247 4.31 -10.62 -12.44
N GLU A 248 3.32 -11.43 -12.85
CA GLU A 248 3.52 -12.86 -12.93
C GLU A 248 4.51 -13.23 -14.02
N PHE A 249 4.45 -12.53 -15.15
CA PHE A 249 5.36 -12.79 -16.25
C PHE A 249 6.77 -12.28 -15.92
N PHE A 250 6.84 -11.19 -15.17
CA PHE A 250 8.13 -10.59 -14.85
C PHE A 250 8.83 -11.35 -13.72
N THR A 251 8.08 -11.68 -12.67
CA THR A 251 8.70 -12.09 -11.42
C THR A 251 8.30 -13.49 -10.94
N ALA A 252 6.98 -13.76 -10.92
CA ALA A 252 6.48 -15.04 -10.45
C ALA A 252 6.93 -16.17 -11.38
N TRP A 253 7.33 -15.79 -12.59
CA TRP A 253 7.97 -16.67 -13.54
C TRP A 253 9.06 -17.51 -12.85
N TYR A 254 9.87 -16.87 -12.03
CA TYR A 254 10.96 -17.56 -11.36
C TYR A 254 10.61 -17.94 -9.95
N ALA A 255 9.85 -17.07 -9.28
CA ALA A 255 9.58 -17.24 -7.86
C ALA A 255 8.52 -18.31 -7.56
N ASP A 256 7.48 -18.40 -8.39
CA ASP A 256 6.47 -19.44 -8.19
C ASP A 256 7.07 -20.86 -8.22
N PRO A 257 7.93 -21.17 -9.21
CA PRO A 257 8.56 -22.50 -9.15
C PRO A 257 9.45 -22.70 -7.92
N ILE A 258 10.12 -21.64 -7.48
CA ILE A 258 11.02 -21.72 -6.33
C ILE A 258 10.26 -21.89 -5.01
N TYR A 259 9.05 -21.34 -4.93
CA TYR A 259 8.25 -21.44 -3.70
C TYR A 259 7.04 -22.38 -3.83
N LEU A 260 6.28 -22.24 -4.90
CA LEU A 260 5.06 -23.03 -5.06
C LEU A 260 5.35 -24.36 -5.75
N GLY A 261 6.32 -24.36 -6.66
CA GLY A 261 6.77 -25.59 -7.29
C GLY A 261 6.42 -25.73 -8.76
N ASP A 262 5.86 -24.67 -9.34
CA ASP A 262 5.49 -24.68 -10.74
C ASP A 262 5.39 -23.25 -11.26
N TYR A 263 5.39 -23.10 -12.58
CA TYR A 263 5.24 -21.79 -13.21
C TYR A 263 3.87 -21.19 -12.89
N PRO A 264 3.73 -19.86 -13.02
CA PRO A 264 2.42 -19.22 -12.87
C PRO A 264 1.43 -19.78 -13.88
N ALA A 265 0.20 -20.03 -13.45
CA ALA A 265 -0.83 -20.58 -14.32
C ALA A 265 -1.07 -19.68 -15.53
N SER A 266 -0.97 -18.37 -15.32
CA SER A 266 -1.19 -17.41 -16.40
C SER A 266 -0.17 -17.56 -17.51
N MET A 267 1.07 -17.92 -17.17
CA MET A 267 2.11 -18.06 -18.17
C MET A 267 1.89 -19.30 -19.01
N ARG A 268 1.46 -20.38 -18.37
CA ARG A 268 1.25 -21.66 -19.05
C ARG A 268 0.15 -21.56 -20.08
N LYS A 269 -0.80 -20.65 -19.85
CA LYS A 269 -1.97 -20.56 -20.70
C LYS A 269 -1.77 -19.67 -21.90
N GLN A 270 -0.73 -18.87 -21.86
CA GLN A 270 -0.39 -18.03 -23.00
C GLN A 270 0.72 -18.68 -23.85
N LEU A 271 1.72 -19.25 -23.17
CA LEU A 271 2.89 -19.79 -23.86
C LEU A 271 2.69 -21.24 -24.32
N GLY A 272 1.93 -22.01 -23.52
CA GLY A 272 1.62 -23.38 -23.86
C GLY A 272 2.85 -24.26 -23.83
N ASP A 273 3.14 -24.92 -24.96
CA ASP A 273 4.26 -25.84 -25.06
C ASP A 273 5.63 -25.12 -25.06
N ARG A 274 5.62 -23.84 -25.39
CA ARG A 274 6.85 -23.06 -25.38
C ARG A 274 7.43 -22.97 -23.96
N LEU A 275 6.56 -23.01 -22.96
CA LEU A 275 7.02 -23.01 -21.58
C LEU A 275 7.33 -24.44 -21.13
N PRO A 276 8.59 -24.71 -20.79
CA PRO A 276 9.04 -26.06 -20.43
C PRO A 276 8.30 -26.63 -19.22
N GLU A 277 8.41 -27.95 -19.05
CA GLU A 277 7.86 -28.59 -17.88
C GLU A 277 9.00 -29.13 -17.01
N PHE A 278 8.90 -28.93 -15.71
CA PHE A 278 9.89 -29.45 -14.77
C PHE A 278 9.80 -30.96 -14.68
N THR A 279 10.91 -31.63 -15.00
CA THR A 279 11.05 -33.05 -14.68
C THR A 279 11.06 -33.19 -13.18
N PRO A 280 10.76 -34.41 -12.66
CA PRO A 280 10.88 -34.65 -11.22
C PRO A 280 12.24 -34.24 -10.66
N GLU A 281 13.32 -34.61 -11.35
CA GLU A 281 14.66 -34.21 -10.93
C GLU A 281 14.80 -32.70 -10.88
N GLU A 282 14.34 -32.03 -11.94
CA GLU A 282 14.44 -30.57 -12.03
C GLU A 282 13.59 -29.88 -10.97
N LYS A 283 12.36 -30.34 -10.78
CA LYS A 283 11.48 -29.77 -9.77
C LYS A 283 12.09 -29.93 -8.37
N ALA A 284 12.67 -31.10 -8.11
CA ALA A 284 13.28 -31.37 -6.81
C ALA A 284 14.44 -30.42 -6.51
N PHE A 285 15.10 -29.94 -7.56
CA PHE A 285 16.14 -28.92 -7.42
C PHE A 285 15.56 -27.54 -7.14
N VAL A 286 14.51 -27.19 -7.88
CA VAL A 286 13.98 -25.82 -7.89
C VAL A 286 13.06 -25.50 -6.70
N LEU A 287 12.18 -26.42 -6.35
CA LEU A 287 11.19 -26.18 -5.30
C LEU A 287 11.86 -26.00 -3.94
N GLY A 288 11.65 -24.82 -3.35
CA GLY A 288 12.20 -24.52 -2.04
C GLY A 288 13.67 -24.12 -2.06
N SER A 289 14.18 -23.72 -3.22
CA SER A 289 15.61 -23.45 -3.34
C SER A 289 16.00 -22.00 -3.04
N ASN A 290 15.22 -21.34 -2.18
CA ASN A 290 15.59 -20.01 -1.68
C ASN A 290 15.68 -19.95 -0.16
N ASP A 291 16.86 -19.62 0.36
CA ASP A 291 17.02 -19.31 1.77
C ASP A 291 16.48 -17.92 2.05
N PHE A 292 16.66 -17.03 1.06
CA PHE A 292 16.15 -15.68 1.13
C PHE A 292 15.68 -15.25 -0.25
N TYR A 293 14.91 -14.18 -0.31
CA TYR A 293 14.45 -13.62 -1.58
C TYR A 293 15.29 -12.41 -1.97
N GLY A 294 16.10 -12.56 -3.01
CA GLY A 294 16.85 -11.44 -3.56
C GLY A 294 15.98 -10.58 -4.44
N MET A 295 15.88 -9.29 -4.11
CA MET A 295 14.96 -8.40 -4.84
C MET A 295 15.64 -7.18 -5.45
N ASN A 296 15.50 -7.03 -6.76
CA ASN A 296 15.86 -5.78 -7.43
C ASN A 296 14.59 -5.01 -7.79
N HIS A 297 14.57 -3.71 -7.47
CA HIS A 297 13.41 -2.88 -7.78
C HIS A 297 13.82 -1.48 -8.15
N TYR A 298 13.10 -0.88 -9.10
CA TYR A 298 13.48 0.44 -9.58
C TYR A 298 12.30 1.38 -9.79
N THR A 299 11.22 0.89 -10.38
CA THR A 299 10.10 1.77 -10.73
C THR A 299 8.77 1.04 -10.77
N SER A 300 7.73 1.73 -11.24
CA SER A 300 6.40 1.18 -11.37
C SER A 300 5.75 1.71 -12.65
N ASN A 301 4.68 1.07 -13.10
CA ASN A 301 4.05 1.44 -14.37
C ASN A 301 2.54 1.29 -14.35
N TYR A 302 1.87 1.95 -15.28
CA TYR A 302 0.46 1.69 -15.49
C TYR A 302 0.34 0.60 -16.55
N ILE A 303 -0.52 -0.37 -16.29
CA ILE A 303 -0.64 -1.51 -17.18
C ILE A 303 -2.01 -1.53 -17.86
N ARG A 304 -2.00 -1.49 -19.19
CA ARG A 304 -3.23 -1.55 -19.95
C ARG A 304 -3.31 -2.87 -20.71
N HIS A 305 -4.42 -3.58 -20.54
CA HIS A 305 -4.65 -4.80 -21.30
C HIS A 305 -4.65 -4.48 -22.79
N ARG A 306 -4.25 -5.43 -23.61
CA ARG A 306 -4.26 -5.24 -25.05
C ARG A 306 -5.50 -5.89 -25.66
N THR A 307 -6.06 -5.23 -26.68
CA THR A 307 -7.28 -5.70 -27.33
C THR A 307 -7.00 -6.94 -28.18
N SER A 308 -5.87 -6.92 -28.87
CA SER A 308 -5.46 -8.05 -29.70
C SER A 308 -4.93 -9.21 -28.85
N PRO A 309 -5.04 -10.44 -29.36
CA PRO A 309 -4.47 -11.62 -28.69
C PRO A 309 -2.93 -11.55 -28.62
N ALA A 310 -2.36 -12.26 -27.66
CA ALA A 310 -0.92 -12.27 -27.45
C ALA A 310 -0.18 -12.78 -28.68
N THR A 311 0.77 -11.98 -29.18
CA THR A 311 1.60 -12.37 -30.30
C THR A 311 2.66 -13.38 -29.87
N ALA A 312 3.30 -14.02 -30.85
CA ALA A 312 4.34 -15.02 -30.57
C ALA A 312 5.57 -14.38 -29.92
N ASP A 313 5.87 -13.15 -30.31
CA ASP A 313 7.07 -12.48 -29.82
C ASP A 313 6.82 -11.65 -28.56
N ASP A 314 5.66 -11.83 -27.93
CA ASP A 314 5.36 -11.10 -26.70
C ASP A 314 6.10 -11.71 -25.51
N THR A 315 6.50 -10.86 -24.57
CA THR A 315 7.25 -11.30 -23.41
C THR A 315 6.71 -10.72 -22.11
N VAL A 316 6.00 -9.60 -22.20
CA VAL A 316 5.49 -8.92 -21.01
C VAL A 316 4.13 -9.45 -20.56
N GLY A 317 3.52 -10.31 -21.37
CA GLY A 317 2.25 -10.90 -21.02
C GLY A 317 1.07 -10.18 -21.64
N ASN A 318 1.23 -9.78 -22.90
CA ASN A 318 0.15 -9.18 -23.69
C ASN A 318 -0.48 -7.95 -23.03
N VAL A 319 0.38 -7.02 -22.61
CA VAL A 319 -0.08 -5.79 -21.97
C VAL A 319 0.71 -4.58 -22.49
N ASP A 320 0.21 -3.38 -22.20
CA ASP A 320 0.94 -2.16 -22.50
C ASP A 320 1.51 -1.56 -21.22
N VAL A 321 2.84 -1.41 -21.18
CA VAL A 321 3.52 -0.85 -20.03
C VAL A 321 3.69 0.66 -20.20
N LEU A 322 2.91 1.43 -19.43
CA LEU A 322 2.82 2.88 -19.62
C LEU A 322 3.24 3.68 -18.39
N PHE A 323 3.31 5.01 -18.55
CA PHE A 323 3.65 5.89 -17.44
C PHE A 323 2.49 6.84 -17.09
N TYR A 324 1.46 6.80 -17.91
CA TYR A 324 0.25 7.59 -17.66
C TYR A 324 -0.96 6.69 -17.64
N ASN A 325 -1.89 6.93 -16.72
CA ASN A 325 -3.13 6.16 -16.71
C ASN A 325 -4.22 6.89 -17.51
N LYS A 326 -5.42 6.32 -17.53
CA LYS A 326 -6.50 6.86 -18.33
C LYS A 326 -6.90 8.28 -17.90
N GLU A 327 -6.74 8.60 -16.62
CA GLU A 327 -7.09 9.92 -16.11
C GLU A 327 -6.01 10.96 -16.39
N GLY A 328 -4.89 10.53 -16.96
CA GLY A 328 -3.78 11.43 -17.24
C GLY A 328 -2.76 11.53 -16.12
N GLN A 329 -2.93 10.73 -15.08
CA GLN A 329 -2.00 10.72 -13.94
C GLN A 329 -0.64 10.17 -14.38
N CYS A 330 0.43 10.65 -13.75
CA CYS A 330 1.78 10.23 -14.10
C CYS A 330 2.44 9.45 -12.96
N ILE A 331 3.14 8.37 -13.30
CA ILE A 331 3.87 7.57 -12.32
C ILE A 331 4.88 8.40 -11.53
N GLY A 332 5.71 9.15 -12.25
CA GLY A 332 6.73 9.98 -11.63
C GLY A 332 7.49 10.78 -12.65
N PRO A 333 8.49 11.55 -12.20
CA PRO A 333 9.28 12.44 -13.07
C PRO A 333 10.14 11.67 -14.05
N GLU A 334 10.72 12.38 -15.01
CA GLU A 334 11.53 11.76 -16.05
C GLU A 334 12.98 11.63 -15.61
N THR A 335 13.57 10.46 -15.86
CA THR A 335 14.97 10.22 -15.55
C THR A 335 15.77 10.07 -16.84
N GLU A 336 17.00 9.56 -16.72
CA GLU A 336 17.82 9.30 -17.90
C GLU A 336 17.41 7.98 -18.54
N SER A 337 16.71 7.16 -17.77
CA SER A 337 16.21 5.87 -18.24
C SER A 337 14.73 5.94 -18.60
N SER A 338 14.43 5.78 -19.88
CA SER A 338 13.06 5.89 -20.38
C SER A 338 12.12 4.88 -19.73
N TRP A 339 12.69 3.85 -19.11
CA TRP A 339 11.89 2.82 -18.45
C TRP A 339 11.76 3.07 -16.95
N LEU A 340 12.61 3.95 -16.42
CA LEU A 340 12.61 4.23 -14.99
C LEU A 340 12.00 5.59 -14.67
N ARG A 341 10.90 5.57 -13.92
CA ARG A 341 10.35 6.78 -13.33
C ARG A 341 10.06 6.53 -11.86
N PRO A 342 10.53 7.43 -10.99
CA PRO A 342 10.44 7.27 -9.53
C PRO A 342 9.01 7.04 -9.04
N CYS A 343 8.85 6.08 -8.14
CA CYS A 343 7.56 5.72 -7.58
C CYS A 343 7.75 4.96 -6.27
N PRO A 344 8.09 5.68 -5.19
CA PRO A 344 8.41 5.05 -3.90
C PRO A 344 7.29 4.15 -3.36
N ALA A 345 6.03 4.51 -3.63
CA ALA A 345 4.91 3.70 -3.18
C ALA A 345 4.92 2.31 -3.82
N GLY A 346 5.37 2.24 -5.08
CA GLY A 346 5.46 0.97 -5.77
C GLY A 346 6.47 0.01 -5.15
N PHE A 347 7.52 0.57 -4.54
CA PHE A 347 8.53 -0.20 -3.85
C PHE A 347 7.90 -0.99 -2.70
N ARG A 348 7.19 -0.28 -1.83
CA ARG A 348 6.53 -0.91 -0.70
C ARG A 348 5.47 -1.91 -1.16
N ASP A 349 4.78 -1.58 -2.25
CA ASP A 349 3.72 -2.45 -2.77
C ASP A 349 4.30 -3.76 -3.30
N PHE A 350 5.45 -3.69 -3.95
CA PHE A 350 6.09 -4.90 -4.46
C PHE A 350 6.59 -5.77 -3.29
N LEU A 351 7.14 -5.13 -2.28
CA LEU A 351 7.59 -5.84 -1.08
C LEU A 351 6.45 -6.65 -0.44
N VAL A 352 5.29 -6.02 -0.34
CA VAL A 352 4.12 -6.64 0.27
C VAL A 352 3.54 -7.69 -0.67
N TRP A 353 3.61 -7.43 -1.97
CA TRP A 353 3.16 -8.38 -2.97
C TRP A 353 3.94 -9.69 -2.84
N ILE A 354 5.27 -9.59 -2.86
CA ILE A 354 6.14 -10.75 -2.66
C ILE A 354 5.81 -11.48 -1.36
N SER A 355 5.71 -10.71 -0.29
CA SER A 355 5.48 -11.28 1.04
C SER A 355 4.18 -12.09 1.09
N LYS A 356 3.09 -11.52 0.58
CA LYS A 356 1.80 -12.19 0.59
C LYS A 356 1.79 -13.46 -0.24
N ARG A 357 2.44 -13.40 -1.42
CA ARG A 357 2.41 -14.52 -2.35
C ARG A 357 3.32 -15.67 -1.92
N TYR A 358 4.39 -15.36 -1.20
CA TYR A 358 5.37 -16.40 -0.85
C TYR A 358 5.59 -16.54 0.66
N ASN A 359 4.54 -16.29 1.45
CA ASN A 359 4.55 -16.54 2.88
C ASN A 359 5.64 -15.77 3.61
N TYR A 360 5.78 -14.49 3.25
CA TYR A 360 6.68 -13.56 3.93
C TYR A 360 8.11 -14.06 4.14
N PRO A 361 8.82 -14.35 3.03
CA PRO A 361 10.21 -14.82 3.18
C PRO A 361 11.17 -13.71 3.59
N LYS A 362 12.38 -14.08 4.00
CA LYS A 362 13.45 -13.12 4.20
C LYS A 362 13.77 -12.45 2.87
N ILE A 363 13.76 -11.13 2.85
CA ILE A 363 14.01 -10.39 1.62
C ILE A 363 15.26 -9.51 1.73
N TYR A 364 16.13 -9.60 0.72
CA TYR A 364 17.21 -8.64 0.61
C TYR A 364 17.01 -7.79 -0.63
N VAL A 365 16.90 -6.49 -0.46
CA VAL A 365 16.80 -5.58 -1.59
C VAL A 365 18.20 -5.39 -2.16
N THR A 366 18.52 -6.22 -3.15
CA THR A 366 19.88 -6.30 -3.65
C THR A 366 20.24 -5.15 -4.60
N GLU A 367 19.23 -4.49 -5.17
CA GLU A 367 19.45 -3.33 -6.03
C GLU A 367 18.32 -2.31 -5.89
N ASN A 368 18.70 -1.05 -5.73
CA ASN A 368 17.76 0.04 -5.78
C ASN A 368 18.50 1.35 -6.02
N GLY A 369 18.06 2.11 -7.01
CA GLY A 369 18.71 3.35 -7.35
C GLY A 369 18.10 3.94 -8.59
N THR A 370 18.66 5.04 -9.07
CA THR A 370 18.10 5.73 -10.22
C THR A 370 19.16 6.41 -11.07
N SER A 371 18.82 6.64 -12.33
CA SER A 371 19.61 7.48 -13.19
C SER A 371 19.05 8.88 -13.08
N LEU A 372 19.69 9.83 -13.75
CA LEU A 372 19.25 11.22 -13.68
C LEU A 372 19.32 11.82 -15.07
N LYS A 373 18.22 12.43 -15.49
CA LYS A 373 18.10 12.95 -16.85
C LYS A 373 19.08 14.09 -17.11
N GLY A 374 19.94 13.91 -18.10
CA GLY A 374 20.90 14.92 -18.49
C GLY A 374 22.08 15.04 -17.55
N GLU A 375 22.25 14.04 -16.67
CA GLU A 375 23.31 14.07 -15.68
C GLU A 375 24.70 14.03 -16.30
N ASN A 376 24.85 13.25 -17.37
CA ASN A 376 26.16 13.10 -18.00
C ASN A 376 26.62 14.37 -18.72
N ASP A 377 25.67 15.25 -19.04
CA ASP A 377 25.99 16.45 -19.82
C ASP A 377 25.92 17.74 -18.98
N LEU A 378 26.55 17.72 -17.80
CA LEU A 378 26.58 18.91 -16.94
C LEU A 378 27.87 18.91 -16.09
N PRO A 379 28.32 20.11 -15.66
CA PRO A 379 29.61 20.31 -14.98
C PRO A 379 29.86 19.38 -13.79
N LYS A 380 31.14 19.16 -13.48
CA LYS A 380 31.61 18.21 -12.47
C LYS A 380 30.93 18.29 -11.12
N GLU A 381 31.11 19.40 -10.41
CA GLU A 381 30.59 19.57 -9.06
C GLU A 381 29.09 19.81 -9.07
N LYS A 382 28.50 19.83 -10.26
CA LYS A 382 27.05 19.83 -10.38
C LYS A 382 26.56 18.38 -10.49
N ILE A 383 27.48 17.47 -10.81
CA ILE A 383 27.16 16.05 -10.79
C ILE A 383 27.22 15.55 -9.36
N LEU A 384 28.13 16.11 -8.57
CA LEU A 384 28.25 15.76 -7.16
C LEU A 384 26.96 16.12 -6.43
N GLU A 385 26.31 17.17 -6.88
CA GLU A 385 24.94 17.44 -6.46
C GLU A 385 24.05 16.47 -7.20
N ASP A 386 23.12 15.84 -6.50
CA ASP A 386 22.14 14.99 -7.15
C ASP A 386 20.91 14.89 -6.27
N ASP A 387 20.32 16.04 -6.00
CA ASP A 387 19.12 16.16 -5.19
C ASP A 387 18.05 15.18 -5.66
N PHE A 388 17.92 15.03 -6.97
CA PHE A 388 16.96 14.11 -7.54
C PHE A 388 17.21 12.69 -7.06
N ARG A 389 18.48 12.29 -7.02
CA ARG A 389 18.84 10.95 -6.56
C ARG A 389 18.71 10.86 -5.03
N VAL A 390 19.08 11.94 -4.34
CA VAL A 390 18.91 12.05 -2.90
C VAL A 390 17.46 11.82 -2.50
N ASN A 391 16.56 12.54 -3.15
CA ASN A 391 15.12 12.41 -2.91
C ASN A 391 14.64 11.02 -3.23
N TYR A 392 15.20 10.43 -4.29
CA TYR A 392 14.83 9.09 -4.70
C TYR A 392 15.09 8.10 -3.57
N TYR A 393 16.31 8.16 -3.03
CA TYR A 393 16.71 7.25 -1.96
C TYR A 393 15.94 7.53 -0.69
N ASN A 394 15.76 8.81 -0.37
CA ASN A 394 15.01 9.19 0.83
C ASN A 394 13.63 8.56 0.85
N GLU A 395 12.85 8.81 -0.19
CA GLU A 395 11.48 8.32 -0.23
C GLU A 395 11.38 6.81 -0.41
N TYR A 396 12.26 6.22 -1.22
CA TYR A 396 12.20 4.77 -1.44
C TYR A 396 12.55 3.98 -0.18
N ILE A 397 13.62 4.38 0.49
CA ILE A 397 14.05 3.70 1.70
C ILE A 397 13.02 3.84 2.80
N ARG A 398 12.43 5.02 2.93
CA ARG A 398 11.38 5.24 3.93
C ARG A 398 10.12 4.44 3.60
N ALA A 399 9.88 4.21 2.30
CA ALA A 399 8.77 3.38 1.89
C ALA A 399 9.03 1.93 2.28
N MET A 400 10.28 1.51 2.12
CA MET A 400 10.72 0.20 2.56
C MET A 400 10.57 0.07 4.07
N PHE A 401 10.96 1.12 4.79
CA PHE A 401 10.83 1.16 6.25
C PHE A 401 9.39 0.88 6.67
N THR A 402 8.45 1.59 6.06
CA THR A 402 7.03 1.42 6.34
C THR A 402 6.63 -0.03 6.08
N ALA A 403 7.11 -0.59 4.98
CA ALA A 403 6.81 -1.97 4.62
C ALA A 403 7.27 -2.92 5.72
N ALA A 404 8.40 -2.61 6.34
CA ALA A 404 8.97 -3.50 7.34
C ALA A 404 8.31 -3.33 8.70
N THR A 405 8.01 -2.08 9.05
CA THR A 405 7.56 -1.76 10.40
C THR A 405 6.05 -1.79 10.55
N LEU A 406 5.35 -1.59 9.44
CA LEU A 406 3.89 -1.60 9.48
C LEU A 406 3.36 -2.94 8.96
N ASP A 407 3.66 -3.25 7.70
CA ASP A 407 3.19 -4.47 7.08
C ASP A 407 3.89 -5.70 7.65
N GLY A 408 5.10 -5.51 8.17
CA GLY A 408 5.88 -6.61 8.69
C GLY A 408 6.63 -7.39 7.61
N VAL A 409 6.92 -6.74 6.49
CA VAL A 409 7.74 -7.36 5.46
C VAL A 409 9.10 -7.70 6.04
N ASN A 410 9.54 -8.95 5.87
CA ASN A 410 10.78 -9.41 6.48
C ASN A 410 12.02 -9.03 5.66
N VAL A 411 12.20 -7.74 5.42
CA VAL A 411 13.36 -7.26 4.68
C VAL A 411 14.53 -7.05 5.65
N LYS A 412 15.64 -7.74 5.39
CA LYS A 412 16.77 -7.73 6.29
C LYS A 412 17.94 -6.93 5.74
N GLY A 413 17.77 -6.39 4.53
CA GLY A 413 18.87 -5.71 3.87
C GLY A 413 18.51 -4.88 2.65
N TYR A 414 19.31 -3.85 2.41
CA TYR A 414 19.10 -2.93 1.30
C TYR A 414 20.43 -2.53 0.67
N PHE A 415 20.52 -2.64 -0.66
CA PHE A 415 21.75 -2.27 -1.36
C PHE A 415 21.48 -1.27 -2.46
N ALA A 416 22.11 -0.10 -2.33
CA ALA A 416 21.94 0.97 -3.31
C ALA A 416 22.72 0.68 -4.59
N TRP A 417 22.03 0.74 -5.72
CA TRP A 417 22.66 0.65 -7.03
C TRP A 417 22.80 2.04 -7.61
N SER A 418 24.04 2.49 -7.83
CA SER A 418 25.23 1.68 -7.58
C SER A 418 26.31 2.48 -6.84
N LEU A 419 27.32 1.79 -6.34
CA LEU A 419 28.42 2.43 -5.62
C LEU A 419 29.01 3.61 -6.40
N MET A 420 29.09 3.45 -7.72
CA MET A 420 29.61 4.51 -8.58
C MET A 420 29.10 4.36 -10.01
N ASP A 421 29.20 5.43 -10.79
CA ASP A 421 28.83 5.42 -12.19
C ASP A 421 29.67 4.37 -12.93
N ASN A 422 29.02 3.58 -13.77
CA ASN A 422 29.71 2.48 -14.44
C ASN A 422 29.14 2.19 -15.83
N PHE A 423 29.64 1.12 -16.46
CA PHE A 423 29.14 0.68 -17.75
C PHE A 423 27.71 0.16 -17.65
N GLU A 424 26.76 0.92 -18.19
CA GLU A 424 25.34 0.56 -18.10
C GLU A 424 24.90 -0.32 -19.28
N TRP A 425 25.66 -1.38 -19.53
CA TRP A 425 25.38 -2.35 -20.59
C TRP A 425 25.11 -1.69 -21.96
N ALA A 426 23.90 -1.87 -22.48
CA ALA A 426 23.56 -1.38 -23.81
C ALA A 426 23.55 0.14 -23.88
N ASP A 427 23.34 0.80 -22.74
CA ASP A 427 23.38 2.26 -22.69
C ASP A 427 24.82 2.79 -22.70
N GLY A 428 25.77 1.94 -22.35
CA GLY A 428 27.16 2.36 -22.25
C GLY A 428 27.40 3.21 -21.02
N TYR A 429 28.13 4.31 -21.19
CA TYR A 429 28.47 5.18 -20.07
C TYR A 429 27.62 6.45 -20.03
N VAL A 430 26.76 6.63 -21.03
CA VAL A 430 25.87 7.77 -21.09
C VAL A 430 24.94 7.85 -19.87
N THR A 431 24.50 6.69 -19.40
CA THR A 431 23.56 6.61 -18.29
C THR A 431 24.27 6.37 -16.95
N ARG A 432 24.19 7.35 -16.04
CA ARG A 432 24.85 7.23 -14.75
C ARG A 432 23.88 6.84 -13.65
N PHE A 433 24.21 5.76 -12.93
CA PHE A 433 23.36 5.23 -11.87
C PHE A 433 24.03 5.32 -10.50
N GLY A 434 25.28 5.78 -10.47
CA GLY A 434 26.05 5.73 -9.25
C GLY A 434 25.83 6.89 -8.29
N VAL A 435 26.10 6.64 -7.01
CA VAL A 435 26.09 7.69 -6.01
C VAL A 435 27.47 8.32 -5.89
N THR A 436 28.42 7.76 -6.64
CA THR A 436 29.77 8.31 -6.71
C THR A 436 30.15 8.58 -8.16
N TYR A 437 30.50 9.82 -8.44
CA TYR A 437 30.89 10.22 -9.79
C TYR A 437 32.24 9.63 -10.16
N VAL A 438 32.28 8.91 -11.28
CA VAL A 438 33.54 8.38 -11.79
C VAL A 438 34.02 9.24 -12.94
N ASP A 439 35.28 9.69 -12.84
CA ASP A 439 35.82 10.62 -13.82
C ASP A 439 36.58 9.89 -14.93
N TYR A 440 35.85 9.45 -15.96
CA TYR A 440 36.43 8.67 -17.05
C TYR A 440 37.45 9.45 -17.88
N GLU A 441 37.24 10.76 -18.02
CA GLU A 441 38.15 11.62 -18.79
C GLU A 441 39.50 11.72 -18.09
N ASN A 442 39.53 11.40 -16.80
CA ASN A 442 40.73 11.54 -16.00
C ASN A 442 41.05 10.35 -15.09
N GLY A 443 41.06 9.16 -15.67
CA GLY A 443 41.50 7.97 -14.96
C GLY A 443 40.61 7.47 -13.84
N GLN A 444 39.30 7.59 -14.05
CA GLN A 444 38.30 7.06 -13.11
C GLN A 444 38.50 7.51 -11.66
N GLN A 445 38.70 8.81 -11.46
CA GLN A 445 38.77 9.36 -10.11
C GLN A 445 37.41 9.26 -9.44
N ARG A 446 37.38 8.77 -8.20
CA ARG A 446 36.12 8.63 -7.46
C ARG A 446 35.76 9.89 -6.68
N PHE A 447 34.62 10.47 -7.03
CA PHE A 447 34.09 11.62 -6.30
C PHE A 447 32.66 11.35 -5.85
N PRO A 448 32.48 11.08 -4.55
CA PRO A 448 31.16 10.78 -3.97
C PRO A 448 30.18 11.92 -4.21
N LYS A 449 28.94 11.59 -4.57
CA LYS A 449 27.93 12.62 -4.79
C LYS A 449 27.16 12.89 -3.50
N LYS A 450 26.31 13.90 -3.54
CA LYS A 450 25.52 14.29 -2.36
C LYS A 450 24.69 13.11 -1.84
N SER A 451 24.19 12.28 -2.75
CA SER A 451 23.37 11.13 -2.36
C SER A 451 24.18 10.05 -1.64
N ALA A 452 25.44 9.90 -2.01
CA ALA A 452 26.33 8.92 -1.39
C ALA A 452 26.43 9.14 0.12
N LYS A 453 26.66 10.38 0.52
CA LYS A 453 26.80 10.71 1.93
C LYS A 453 25.47 10.76 2.67
N SER A 454 24.37 10.81 1.92
CA SER A 454 23.05 10.98 2.53
C SER A 454 22.50 9.66 3.04
N LEU A 455 23.13 8.56 2.64
CA LEU A 455 22.63 7.24 3.00
C LEU A 455 23.01 6.85 4.43
N LYS A 456 24.16 7.32 4.88
CA LYS A 456 24.61 7.06 6.24
C LYS A 456 23.63 7.60 7.29
N PRO A 457 23.33 8.93 7.29
CA PRO A 457 22.44 9.42 8.35
C PRO A 457 21.02 8.89 8.21
N LEU A 458 20.59 8.63 6.98
CA LEU A 458 19.25 8.09 6.75
C LEU A 458 19.11 6.73 7.42
N PHE A 459 20.08 5.85 7.19
CA PHE A 459 20.05 4.53 7.81
C PHE A 459 20.37 4.59 9.30
N ASP A 460 21.19 5.55 9.72
CA ASP A 460 21.43 5.75 11.14
C ASP A 460 20.11 5.97 11.87
N GLU A 461 19.25 6.77 11.25
CA GLU A 461 17.96 7.09 11.83
C GLU A 461 17.06 5.87 11.90
N LEU A 462 17.02 5.09 10.82
CA LEU A 462 16.01 4.05 10.64
C LEU A 462 16.34 2.73 11.31
N ILE A 463 17.62 2.48 11.56
CA ILE A 463 18.04 1.26 12.24
C ILE A 463 18.12 1.48 13.74
N ALA A 464 17.91 0.42 14.52
CA ALA A 464 17.96 0.55 15.96
C ALA A 464 19.25 0.05 16.55
N LYS A 465 19.86 0.89 17.36
CA LYS A 465 21.12 0.55 17.98
C LYS A 465 20.91 0.10 19.42
N MET B 2 -3.76 15.05 -11.35
CA MET B 2 -4.38 15.55 -10.14
C MET B 2 -5.81 15.06 -10.00
N LEU B 3 -6.40 15.23 -8.82
CA LEU B 3 -7.80 14.88 -8.61
C LEU B 3 -8.70 15.67 -9.56
N PRO B 4 -9.70 15.01 -10.16
CA PRO B 4 -10.63 15.66 -11.07
C PRO B 4 -11.39 16.82 -10.42
N LYS B 5 -11.82 17.77 -11.24
CA LYS B 5 -12.55 18.97 -10.81
C LYS B 5 -13.80 18.73 -9.97
N ASP B 6 -14.45 17.59 -10.19
CA ASP B 6 -15.73 17.30 -9.53
C ASP B 6 -15.54 16.70 -8.15
N PHE B 7 -14.30 16.61 -7.69
CA PHE B 7 -14.00 16.06 -6.38
C PHE B 7 -14.57 16.95 -5.27
N GLN B 8 -15.48 16.40 -4.48
CA GLN B 8 -16.07 17.13 -3.36
C GLN B 8 -15.17 17.09 -2.13
N TRP B 9 -15.03 18.20 -1.44
CA TRP B 9 -14.36 18.19 -0.14
C TRP B 9 -15.02 19.18 0.80
N GLY B 10 -15.07 18.83 2.08
CA GLY B 10 -15.69 19.70 3.07
C GLY B 10 -15.57 19.15 4.47
N PHE B 11 -16.59 19.37 5.28
CA PHE B 11 -16.54 18.98 6.68
C PHE B 11 -17.81 18.24 7.04
N ALA B 12 -17.74 17.46 8.12
CA ALA B 12 -18.85 16.60 8.50
C ALA B 12 -19.31 16.86 9.93
N THR B 13 -20.62 16.86 10.14
CA THR B 13 -21.21 16.93 11.47
C THR B 13 -22.34 15.92 11.60
N ALA B 14 -22.88 15.81 12.80
CA ALA B 14 -24.06 14.99 13.04
C ALA B 14 -25.05 15.79 13.88
N ALA B 15 -26.34 15.54 13.68
CA ALA B 15 -27.39 16.37 14.27
C ALA B 15 -27.29 16.53 15.78
N TYR B 16 -27.36 15.42 16.51
CA TYR B 16 -27.41 15.50 17.97
C TYR B 16 -26.12 16.08 18.56
N GLN B 17 -25.02 16.03 17.81
CA GLN B 17 -23.73 16.48 18.34
C GLN B 17 -23.53 17.99 18.27
N ILE B 18 -24.23 18.68 17.37
CA ILE B 18 -24.00 20.12 17.22
C ILE B 18 -25.24 21.00 17.32
N GLU B 19 -26.43 20.44 17.14
CA GLU B 19 -27.63 21.27 16.97
C GLU B 19 -28.14 21.93 18.26
N GLY B 20 -28.31 21.15 19.31
CA GLY B 20 -29.04 21.64 20.47
C GLY B 20 -30.51 21.77 20.10
N ALA B 21 -31.22 22.64 20.80
CA ALA B 21 -32.64 22.88 20.52
C ALA B 21 -33.43 21.56 20.53
N ILE B 22 -33.21 20.77 21.58
CA ILE B 22 -33.72 19.40 21.63
C ILE B 22 -35.23 19.32 21.85
N ASP B 23 -35.85 20.44 22.19
CA ASP B 23 -37.30 20.48 22.32
C ASP B 23 -37.91 21.70 21.61
N LYS B 24 -37.14 22.33 20.73
CA LYS B 24 -37.63 23.47 19.97
C LYS B 24 -38.33 23.02 18.69
N ASP B 25 -39.34 23.78 18.27
CA ASP B 25 -40.05 23.54 17.01
C ASP B 25 -40.58 22.11 16.90
N GLY B 26 -41.10 21.59 18.00
CA GLY B 26 -41.76 20.29 17.99
C GLY B 26 -40.88 19.06 17.95
N ARG B 27 -39.56 19.23 18.12
CA ARG B 27 -38.67 18.07 18.08
C ARG B 27 -38.96 17.10 19.22
N GLY B 28 -39.20 15.85 18.87
CA GLY B 28 -39.44 14.83 19.87
C GLY B 28 -38.13 14.28 20.38
N PRO B 29 -38.16 13.60 21.53
CA PRO B 29 -36.96 13.01 22.13
C PRO B 29 -36.42 11.86 21.30
N SER B 30 -35.10 11.72 21.26
CA SER B 30 -34.48 10.56 20.61
C SER B 30 -33.94 9.63 21.70
N ILE B 31 -33.45 8.46 21.29
CA ILE B 31 -32.88 7.52 22.25
C ILE B 31 -31.63 8.06 22.93
N TRP B 32 -31.00 9.06 22.32
CA TRP B 32 -29.83 9.68 22.95
C TRP B 32 -30.23 10.70 23.99
N ASP B 33 -31.38 11.34 23.80
CA ASP B 33 -31.92 12.27 24.79
C ASP B 33 -32.13 11.52 26.11
N THR B 34 -32.76 10.36 26.02
CA THR B 34 -33.06 9.57 27.20
C THR B 34 -31.79 8.96 27.78
N PHE B 35 -30.84 8.64 26.90
CA PHE B 35 -29.61 7.97 27.32
C PHE B 35 -28.71 8.89 28.15
N CYS B 36 -28.57 10.13 27.69
CA CYS B 36 -27.77 11.12 28.39
C CYS B 36 -28.37 11.48 29.73
N ALA B 37 -29.67 11.25 29.87
CA ALA B 37 -30.39 11.55 31.10
C ALA B 37 -30.05 10.55 32.20
N ILE B 38 -29.41 9.45 31.81
CA ILE B 38 -28.96 8.46 32.77
C ILE B 38 -27.56 8.79 33.28
N PRO B 39 -27.44 8.98 34.60
CA PRO B 39 -26.15 9.30 35.23
C PRO B 39 -25.12 8.20 35.02
N GLY B 40 -23.88 8.59 34.73
CA GLY B 40 -22.82 7.63 34.54
C GLY B 40 -22.64 7.14 33.11
N LYS B 41 -23.57 7.50 32.23
CA LYS B 41 -23.48 7.07 30.83
C LYS B 41 -22.59 7.99 30.01
N ILE B 42 -22.53 9.26 30.40
CA ILE B 42 -21.65 10.22 29.75
C ILE B 42 -20.56 10.61 30.73
N ALA B 43 -19.31 10.54 30.31
CA ALA B 43 -18.15 10.71 31.20
C ALA B 43 -18.16 12.03 31.98
N ASP B 44 -18.60 13.12 31.36
CA ASP B 44 -18.64 14.40 32.05
C ASP B 44 -20.06 14.81 32.43
N GLY B 45 -20.98 13.85 32.41
CA GLY B 45 -22.36 14.11 32.83
C GLY B 45 -23.06 15.14 31.98
N THR B 46 -22.61 15.29 30.74
CA THR B 46 -23.18 16.29 29.84
C THR B 46 -24.16 15.65 28.86
N SER B 47 -24.76 16.46 28.01
CA SER B 47 -25.67 15.97 26.97
C SER B 47 -25.63 16.86 25.75
N GLY B 48 -26.53 16.58 24.80
CA GLY B 48 -26.65 17.41 23.61
C GLY B 48 -27.78 18.44 23.72
N VAL B 49 -28.23 18.72 24.93
CA VAL B 49 -29.34 19.65 25.16
C VAL B 49 -29.09 21.01 24.47
N THR B 50 -27.83 21.37 24.35
CA THR B 50 -27.41 22.69 23.88
C THR B 50 -26.35 22.61 22.78
N ALA B 51 -25.32 21.79 23.02
CA ALA B 51 -24.27 21.54 22.04
C ALA B 51 -23.66 22.81 21.47
N CYS B 52 -23.60 22.89 20.14
CA CYS B 52 -23.01 24.04 19.47
C CYS B 52 -24.06 25.08 19.12
N ASP B 53 -25.31 24.78 19.43
CA ASP B 53 -26.45 25.63 19.10
C ASP B 53 -26.59 25.84 17.60
N SER B 54 -26.14 24.85 16.83
CA SER B 54 -26.13 24.97 15.36
C SER B 54 -27.53 25.12 14.78
N TYR B 55 -28.54 24.55 15.43
CA TYR B 55 -29.91 24.68 14.95
C TYR B 55 -30.30 26.15 14.82
N ASN B 56 -29.82 26.98 15.75
CA ASN B 56 -30.12 28.40 15.75
C ASN B 56 -29.06 29.26 15.06
N ARG B 57 -27.94 28.66 14.66
CA ARG B 57 -26.84 29.42 14.07
C ARG B 57 -26.47 28.96 12.65
N THR B 58 -27.48 28.73 11.83
CA THR B 58 -27.29 28.26 10.46
C THR B 58 -26.45 29.23 9.62
N ALA B 59 -26.75 30.53 9.75
CA ALA B 59 -26.00 31.55 9.01
C ALA B 59 -24.53 31.58 9.42
N GLU B 60 -24.28 31.47 10.72
CA GLU B 60 -22.93 31.49 11.26
C GLU B 60 -22.09 30.30 10.78
N ASP B 61 -22.68 29.11 10.81
CA ASP B 61 -21.97 27.89 10.40
C ASP B 61 -21.71 27.88 8.90
N ILE B 62 -22.68 28.37 8.12
CA ILE B 62 -22.53 28.48 6.68
C ILE B 62 -21.43 29.47 6.32
N ALA B 63 -21.42 30.62 6.98
CA ALA B 63 -20.36 31.60 6.76
C ALA B 63 -19.00 30.99 7.11
N LEU B 64 -18.99 30.15 8.13
CA LEU B 64 -17.78 29.46 8.55
C LEU B 64 -17.29 28.50 7.47
N LEU B 65 -18.23 27.71 6.94
CA LEU B 65 -17.94 26.76 5.88
C LEU B 65 -17.40 27.45 4.64
N LYS B 66 -18.03 28.57 4.28
CA LYS B 66 -17.61 29.35 3.14
C LYS B 66 -16.21 29.92 3.36
N SER B 67 -15.93 30.39 4.56
CA SER B 67 -14.63 30.99 4.85
C SER B 67 -13.52 29.94 4.81
N LEU B 68 -13.87 28.69 5.07
CA LEU B 68 -12.88 27.61 5.03
C LEU B 68 -12.76 27.01 3.63
N GLY B 69 -13.56 27.54 2.70
CA GLY B 69 -13.50 27.14 1.31
C GLY B 69 -14.09 25.77 1.02
N ALA B 70 -15.00 25.32 1.87
CA ALA B 70 -15.65 24.02 1.69
C ALA B 70 -16.50 23.99 0.42
N LYS B 71 -16.35 22.93 -0.37
CA LYS B 71 -17.16 22.73 -1.56
C LYS B 71 -18.45 22.01 -1.21
N SER B 72 -18.37 21.17 -0.18
CA SER B 72 -19.50 20.38 0.27
C SER B 72 -19.60 20.39 1.79
N TYR B 73 -20.74 19.92 2.29
CA TYR B 73 -20.94 19.85 3.73
C TYR B 73 -21.77 18.61 4.09
N ARG B 74 -21.20 17.74 4.91
CA ARG B 74 -21.93 16.56 5.36
C ARG B 74 -22.55 16.76 6.73
N PHE B 75 -23.87 16.63 6.79
CA PHE B 75 -24.62 16.79 8.03
C PHE B 75 -25.79 15.83 8.05
N SER B 76 -26.31 15.54 9.23
CA SER B 76 -27.41 14.60 9.31
C SER B 76 -28.73 15.29 9.64
N ILE B 77 -29.80 14.54 9.52
CA ILE B 77 -31.13 15.04 9.81
C ILE B 77 -31.66 14.35 11.04
N SER B 78 -32.07 15.14 12.03
CA SER B 78 -32.69 14.60 13.23
C SER B 78 -34.09 14.08 12.91
N TRP B 79 -34.23 12.76 12.93
CA TRP B 79 -35.48 12.08 12.61
C TRP B 79 -36.64 12.63 13.43
N SER B 80 -36.41 12.84 14.72
CA SER B 80 -37.48 13.28 15.60
C SER B 80 -37.82 14.77 15.42
N ARG B 81 -37.10 15.46 14.53
CA ARG B 81 -37.51 16.81 14.14
C ARG B 81 -38.50 16.74 12.99
N ILE B 82 -38.32 15.75 12.13
CA ILE B 82 -39.19 15.55 10.97
C ILE B 82 -40.46 14.79 11.35
N ILE B 83 -40.29 13.69 12.07
CA ILE B 83 -41.40 12.93 12.61
C ILE B 83 -41.12 12.69 14.09
N PRO B 84 -41.70 13.53 14.96
CA PRO B 84 -41.47 13.47 16.41
C PRO B 84 -41.62 12.08 17.01
N LYS B 85 -42.68 11.35 16.64
CA LYS B 85 -42.90 10.01 17.17
C LYS B 85 -42.20 8.95 16.30
N GLY B 86 -41.79 9.34 15.10
CA GLY B 86 -40.97 8.48 14.26
C GLY B 86 -41.67 7.63 13.23
N GLY B 87 -42.82 7.06 13.59
CA GLY B 87 -43.51 6.09 12.75
C GLY B 87 -44.13 6.62 11.48
N ARG B 88 -44.48 5.69 10.58
CA ARG B 88 -45.00 6.03 9.26
C ARG B 88 -46.46 6.50 9.28
N ASP B 89 -47.14 6.29 10.40
CA ASP B 89 -48.51 6.75 10.55
C ASP B 89 -48.59 7.86 11.60
N ASP B 90 -47.43 8.45 11.91
CA ASP B 90 -47.35 9.53 12.88
C ASP B 90 -47.34 10.89 12.18
N PRO B 91 -47.83 11.93 12.88
CA PRO B 91 -47.82 13.27 12.30
C PRO B 91 -46.41 13.76 11.97
N VAL B 92 -46.28 14.43 10.82
CA VAL B 92 -45.02 15.01 10.39
C VAL B 92 -44.91 16.45 10.90
N ASN B 93 -43.76 16.79 11.47
CA ASN B 93 -43.54 18.14 11.97
C ASN B 93 -43.08 19.08 10.85
N GLN B 94 -44.00 19.92 10.37
CA GLN B 94 -43.70 20.76 9.22
C GLN B 94 -42.59 21.77 9.50
N LEU B 95 -42.51 22.25 10.73
CA LEU B 95 -41.42 23.11 11.15
C LEU B 95 -40.05 22.44 11.01
N GLY B 96 -40.01 21.14 11.28
CA GLY B 96 -38.77 20.40 11.19
C GLY B 96 -38.28 20.32 9.76
N ILE B 97 -39.22 19.99 8.87
CA ILE B 97 -38.94 19.94 7.44
C ILE B 97 -38.47 21.29 6.91
N ASP B 98 -39.26 22.33 7.18
CA ASP B 98 -38.93 23.67 6.73
C ASP B 98 -37.54 24.13 7.20
N HIS B 99 -37.13 23.70 8.39
CA HIS B 99 -35.83 24.08 8.93
C HIS B 99 -34.71 23.63 7.99
N TYR B 100 -34.67 22.34 7.69
CA TYR B 100 -33.62 21.80 6.84
C TYR B 100 -33.82 22.23 5.40
N ALA B 101 -35.07 22.54 5.04
CA ALA B 101 -35.37 22.99 3.70
C ALA B 101 -34.70 24.32 3.41
N GLN B 102 -34.81 25.25 4.36
CA GLN B 102 -34.21 26.55 4.17
C GLN B 102 -32.70 26.45 4.35
N PHE B 103 -32.27 25.51 5.20
CA PHE B 103 -30.85 25.28 5.42
C PHE B 103 -30.19 24.82 4.12
N VAL B 104 -30.83 23.89 3.43
CA VAL B 104 -30.36 23.46 2.12
C VAL B 104 -30.31 24.63 1.14
N ASP B 105 -31.37 25.43 1.12
CA ASP B 105 -31.42 26.60 0.24
C ASP B 105 -30.28 27.56 0.54
N ASP B 106 -30.00 27.78 1.83
CA ASP B 106 -28.94 28.69 2.24
C ASP B 106 -27.56 28.15 1.92
N LEU B 107 -27.40 26.83 2.02
CA LEU B 107 -26.15 26.18 1.65
C LEU B 107 -25.89 26.34 0.16
N LEU B 108 -26.89 26.03 -0.66
CA LEU B 108 -26.73 26.12 -2.10
C LEU B 108 -26.47 27.56 -2.53
N GLU B 109 -27.08 28.50 -1.82
CA GLU B 109 -26.90 29.91 -2.13
C GLU B 109 -25.46 30.37 -1.86
N ALA B 110 -24.82 29.74 -0.88
CA ALA B 110 -23.43 30.03 -0.56
C ALA B 110 -22.47 29.23 -1.45
N GLY B 111 -23.03 28.34 -2.26
CA GLY B 111 -22.23 27.57 -3.19
C GLY B 111 -21.68 26.31 -2.58
N ILE B 112 -22.42 25.75 -1.62
CA ILE B 112 -21.97 24.59 -0.87
C ILE B 112 -22.94 23.42 -0.99
N THR B 113 -22.45 22.33 -1.61
CA THR B 113 -23.27 21.15 -1.86
C THR B 113 -23.54 20.37 -0.57
N PRO B 114 -24.83 20.19 -0.25
CA PRO B 114 -25.18 19.39 0.92
C PRO B 114 -24.99 17.89 0.66
N PHE B 115 -24.43 17.20 1.64
CA PHE B 115 -24.29 15.76 1.64
C PHE B 115 -25.00 15.24 2.89
N ILE B 116 -26.14 14.59 2.73
CA ILE B 116 -27.05 14.40 3.86
C ILE B 116 -27.20 12.98 4.40
N THR B 117 -26.98 12.84 5.70
CA THR B 117 -27.18 11.58 6.41
C THR B 117 -28.58 11.48 7.03
N LEU B 118 -29.36 10.50 6.61
CA LEU B 118 -30.70 10.30 7.17
C LEU B 118 -30.66 9.88 8.64
N PHE B 119 -29.87 8.86 8.95
CA PHE B 119 -29.83 8.31 10.30
C PHE B 119 -28.43 8.33 10.88
N HIS B 120 -28.23 9.19 11.88
CA HIS B 120 -26.98 9.25 12.60
C HIS B 120 -27.22 9.00 14.07
N TRP B 121 -27.85 7.84 14.35
CA TRP B 121 -27.98 7.23 15.68
C TRP B 121 -29.15 7.78 16.51
N ASP B 122 -29.75 8.88 16.08
CA ASP B 122 -30.75 9.55 16.91
C ASP B 122 -32.18 9.06 16.64
N LEU B 123 -32.39 7.75 16.86
CA LEU B 123 -33.69 7.14 16.66
C LEU B 123 -34.73 7.77 17.59
N PRO B 124 -35.92 8.08 17.04
CA PRO B 124 -37.00 8.61 17.89
C PRO B 124 -37.30 7.66 19.06
N GLU B 125 -37.39 8.21 20.27
CA GLU B 125 -37.57 7.42 21.48
C GLU B 125 -38.87 6.63 21.43
N GLU B 126 -39.87 7.21 20.76
CA GLU B 126 -41.17 6.59 20.64
C GLU B 126 -41.12 5.26 19.90
N LEU B 127 -40.24 5.15 18.91
CA LEU B 127 -40.10 3.90 18.16
C LEU B 127 -39.44 2.83 19.02
N HIS B 128 -38.50 3.26 19.88
CA HIS B 128 -37.85 2.34 20.79
C HIS B 128 -38.85 1.72 21.77
N GLN B 129 -39.79 2.54 22.25
CA GLN B 129 -40.74 2.07 23.23
C GLN B 129 -41.88 1.30 22.58
N ARG B 130 -42.27 1.75 21.39
CA ARG B 130 -43.46 1.21 20.73
C ARG B 130 -43.30 -0.25 20.29
N TYR B 131 -42.13 -0.60 19.76
CA TYR B 131 -41.92 -1.95 19.26
C TYR B 131 -40.48 -2.44 19.40
N GLY B 132 -39.65 -1.70 20.13
CA GLY B 132 -38.27 -2.08 20.33
C GLY B 132 -37.31 -1.50 19.31
N GLY B 133 -37.73 -0.42 18.64
CA GLY B 133 -36.86 0.33 17.74
C GLY B 133 -36.04 -0.50 16.76
N LEU B 134 -34.71 -0.45 16.90
CA LEU B 134 -33.82 -1.12 15.97
C LEU B 134 -33.93 -2.65 16.01
N LEU B 135 -34.59 -3.18 17.03
CA LEU B 135 -34.69 -4.62 17.21
C LEU B 135 -35.78 -5.25 16.37
N ASN B 136 -36.77 -4.45 15.97
CA ASN B 136 -37.92 -4.99 15.24
C ASN B 136 -37.61 -5.20 13.78
N ARG B 137 -37.62 -6.46 13.35
CA ARG B 137 -37.30 -6.82 11.99
C ARG B 137 -38.43 -6.45 11.02
N THR B 138 -39.62 -6.25 11.55
CA THR B 138 -40.78 -5.92 10.73
C THR B 138 -41.06 -4.42 10.64
N GLU B 139 -41.19 -3.77 11.79
CA GLU B 139 -41.64 -2.39 11.85
C GLU B 139 -40.56 -1.37 11.50
N PHE B 140 -39.33 -1.58 11.95
CA PHE B 140 -38.31 -0.57 11.76
C PHE B 140 -37.96 -0.32 10.29
N PRO B 141 -37.68 -1.39 9.51
CA PRO B 141 -37.39 -1.11 8.10
C PRO B 141 -38.53 -0.34 7.41
N LEU B 142 -39.77 -0.64 7.78
CA LEU B 142 -40.91 0.05 7.19
C LEU B 142 -40.98 1.52 7.62
N ASP B 143 -40.63 1.81 8.87
CA ASP B 143 -40.67 3.19 9.34
C ASP B 143 -39.50 4.01 8.81
N PHE B 144 -38.35 3.38 8.61
CA PHE B 144 -37.23 4.07 8.01
C PHE B 144 -37.50 4.34 6.53
N GLU B 145 -38.11 3.38 5.85
CA GLU B 145 -38.48 3.55 4.45
C GLU B 145 -39.34 4.80 4.24
N ASN B 146 -40.37 4.96 5.06
CA ASN B 146 -41.24 6.12 4.96
C ASN B 146 -40.53 7.41 5.32
N TYR B 147 -39.69 7.35 6.35
CA TYR B 147 -38.92 8.50 6.79
C TYR B 147 -38.01 8.97 5.67
N ALA B 148 -37.39 8.01 4.99
CA ALA B 148 -36.49 8.31 3.89
C ALA B 148 -37.23 9.00 2.75
N ARG B 149 -38.39 8.48 2.37
CA ARG B 149 -39.20 9.07 1.30
C ARG B 149 -39.55 10.53 1.60
N VAL B 150 -40.01 10.78 2.82
CA VAL B 150 -40.36 12.12 3.26
C VAL B 150 -39.21 13.10 3.03
N MET B 151 -37.99 12.70 3.39
CA MET B 151 -36.84 13.58 3.20
C MET B 151 -36.44 13.75 1.73
N PHE B 152 -36.57 12.69 0.93
CA PHE B 152 -36.30 12.77 -0.50
C PHE B 152 -37.26 13.78 -1.15
N LYS B 153 -38.49 13.73 -0.66
CA LYS B 153 -39.56 14.65 -1.04
C LYS B 153 -39.22 16.11 -0.72
N ALA B 154 -38.93 16.31 0.57
CA ALA B 154 -38.80 17.65 1.14
C ALA B 154 -37.58 18.38 0.61
N LEU B 155 -36.55 17.61 0.24
CA LEU B 155 -35.31 18.19 -0.25
C LEU B 155 -34.96 17.73 -1.67
N PRO B 156 -35.70 18.24 -2.67
CA PRO B 156 -35.50 17.79 -4.05
C PRO B 156 -34.16 18.25 -4.65
N LYS B 157 -33.60 19.33 -4.12
CA LYS B 157 -32.32 19.84 -4.64
C LYS B 157 -31.13 19.04 -4.11
N VAL B 158 -31.37 18.15 -3.15
CA VAL B 158 -30.27 17.34 -2.60
C VAL B 158 -30.03 16.09 -3.47
N ARG B 159 -28.77 15.86 -3.80
CA ARG B 159 -28.36 14.77 -4.69
C ARG B 159 -27.53 13.71 -4.01
N ASN B 160 -26.98 14.05 -2.85
CA ASN B 160 -26.09 13.17 -2.14
C ASN B 160 -26.72 12.72 -0.83
N TRP B 161 -27.12 11.45 -0.77
CA TRP B 161 -27.84 10.92 0.37
C TRP B 161 -27.13 9.76 1.05
N ILE B 162 -27.21 9.73 2.38
CA ILE B 162 -26.69 8.63 3.18
C ILE B 162 -27.82 8.07 4.03
N THR B 163 -27.97 6.75 4.04
CA THR B 163 -29.00 6.11 4.86
C THR B 163 -28.57 6.09 6.32
N PHE B 164 -27.75 5.11 6.68
CA PHE B 164 -27.27 4.99 8.03
C PHE B 164 -25.80 5.38 8.14
N ASN B 165 -25.47 6.11 9.20
CA ASN B 165 -24.08 6.34 9.54
C ASN B 165 -23.58 5.32 10.56
N GLU B 166 -22.59 4.54 10.16
CA GLU B 166 -21.92 3.58 11.03
C GLU B 166 -22.88 2.69 11.80
N PRO B 167 -23.62 1.81 11.10
CA PRO B 167 -24.52 0.86 11.75
C PRO B 167 -23.78 0.00 12.79
N TRP B 168 -22.48 -0.20 12.58
CA TRP B 168 -21.64 -0.94 13.52
C TRP B 168 -21.78 -0.37 14.93
N CYS B 169 -21.68 0.94 15.06
CA CYS B 169 -21.81 1.58 16.38
C CYS B 169 -23.20 1.39 16.96
N SER B 170 -24.23 1.60 16.14
CA SER B 170 -25.61 1.45 16.58
C SER B 170 -25.87 0.04 17.09
N ALA B 171 -25.23 -0.94 16.46
CA ALA B 171 -25.41 -2.34 16.84
C ALA B 171 -24.50 -2.75 17.99
N ILE B 172 -23.19 -2.66 17.78
CA ILE B 172 -22.23 -3.13 18.78
C ILE B 172 -22.23 -2.28 20.04
N LEU B 173 -22.08 -0.97 19.89
CA LEU B 173 -21.99 -0.09 21.06
C LEU B 173 -23.34 0.12 21.73
N GLY B 174 -24.40 0.04 20.93
CA GLY B 174 -25.74 0.28 21.43
C GLY B 174 -26.45 -0.94 22.04
N TYR B 175 -26.11 -2.14 21.57
CA TYR B 175 -26.76 -3.35 22.06
C TYR B 175 -25.78 -4.41 22.58
N GLY B 176 -24.50 -4.21 22.32
CA GLY B 176 -23.48 -5.17 22.73
C GLY B 176 -22.76 -4.75 23.99
N SER B 177 -22.05 -3.64 23.95
CA SER B 177 -21.32 -3.13 25.12
C SER B 177 -22.20 -2.18 25.95
N GLY B 178 -23.25 -1.67 25.33
CA GLY B 178 -24.17 -0.76 26.01
C GLY B 178 -23.59 0.61 26.29
N THR B 179 -22.46 0.94 25.68
CA THR B 179 -21.83 2.24 25.93
C THR B 179 -22.55 3.36 25.20
N PHE B 180 -23.23 3.02 24.11
CA PHE B 180 -24.05 3.99 23.38
C PHE B 180 -25.53 3.65 23.55
N ALA B 181 -26.39 4.62 23.22
CA ALA B 181 -27.84 4.40 23.23
C ALA B 181 -28.22 3.25 22.30
N PRO B 182 -29.19 2.41 22.74
CA PRO B 182 -30.01 2.57 23.95
C PRO B 182 -29.37 2.00 25.22
N GLY B 183 -28.13 1.53 25.14
CA GLY B 183 -27.43 1.08 26.33
C GLY B 183 -27.73 -0.35 26.76
N ARG B 184 -28.12 -1.20 25.81
CA ARG B 184 -28.41 -2.60 26.11
C ARG B 184 -27.14 -3.47 25.97
N GLN B 185 -27.09 -4.58 26.71
CA GLN B 185 -25.94 -5.50 26.63
C GLN B 185 -26.39 -6.94 26.37
N SER B 186 -26.14 -7.40 25.15
CA SER B 186 -26.64 -8.69 24.69
C SER B 186 -25.63 -9.36 23.78
N THR B 187 -25.68 -10.68 23.70
CA THR B 187 -24.83 -11.42 22.78
C THR B 187 -25.54 -11.69 21.46
N THR B 188 -26.83 -11.41 21.41
CA THR B 188 -27.63 -11.74 20.23
C THR B 188 -28.17 -10.50 19.54
N GLU B 189 -28.56 -9.49 20.32
CA GLU B 189 -29.20 -8.30 19.76
C GLU B 189 -28.36 -7.46 18.78
N PRO B 190 -27.04 -7.33 19.01
CA PRO B 190 -26.25 -6.63 17.98
C PRO B 190 -26.41 -7.22 16.57
N TRP B 191 -26.39 -8.55 16.48
CA TRP B 191 -26.42 -9.21 15.18
C TRP B 191 -27.81 -9.11 14.56
N ILE B 192 -28.83 -9.06 15.40
CA ILE B 192 -30.20 -8.84 14.95
C ILE B 192 -30.37 -7.42 14.43
N VAL B 193 -29.84 -6.45 15.18
CA VAL B 193 -29.95 -5.05 14.82
C VAL B 193 -29.29 -4.78 13.48
N GLY B 194 -28.05 -5.23 13.32
CA GLY B 194 -27.33 -5.08 12.07
C GLY B 194 -28.10 -5.58 10.85
N HIS B 195 -28.83 -6.67 11.02
CA HIS B 195 -29.64 -7.20 9.93
C HIS B 195 -30.76 -6.23 9.57
N ASN B 196 -31.39 -5.68 10.60
CA ASN B 196 -32.51 -4.75 10.40
C ASN B 196 -32.05 -3.45 9.76
N LEU B 197 -30.86 -3.00 10.13
CA LEU B 197 -30.29 -1.80 9.56
C LEU B 197 -30.02 -2.00 8.07
N LEU B 198 -29.55 -3.18 7.70
CA LEU B 198 -29.27 -3.46 6.30
C LEU B 198 -30.56 -3.46 5.48
N VAL B 199 -31.57 -4.18 5.97
CA VAL B 199 -32.85 -4.24 5.28
C VAL B 199 -33.51 -2.85 5.22
N ALA B 200 -33.41 -2.07 6.30
CA ALA B 200 -33.96 -0.72 6.30
C ALA B 200 -33.30 0.11 5.21
N HIS B 201 -31.96 0.08 5.22
CA HIS B 201 -31.15 0.71 4.18
C HIS B 201 -31.60 0.30 2.78
N GLY B 202 -31.76 -1.00 2.57
CA GLY B 202 -32.16 -1.54 1.28
C GLY B 202 -33.49 -0.99 0.81
N ARG B 203 -34.40 -0.79 1.75
CA ARG B 203 -35.71 -0.26 1.43
C ARG B 203 -35.62 1.21 1.01
N ALA B 204 -34.85 1.98 1.76
CA ALA B 204 -34.68 3.39 1.46
C ALA B 204 -34.03 3.57 0.09
N VAL B 205 -33.04 2.73 -0.21
CA VAL B 205 -32.30 2.85 -1.45
C VAL B 205 -33.19 2.54 -2.65
N LYS B 206 -34.04 1.53 -2.52
CA LYS B 206 -34.94 1.17 -3.62
C LYS B 206 -35.93 2.29 -3.92
N VAL B 207 -36.53 2.83 -2.85
CA VAL B 207 -37.43 3.96 -2.97
C VAL B 207 -36.74 5.12 -3.68
N TYR B 208 -35.53 5.44 -3.23
CA TYR B 208 -34.78 6.53 -3.83
C TYR B 208 -34.51 6.30 -5.33
N ARG B 209 -34.05 5.11 -5.66
CA ARG B 209 -33.69 4.78 -7.04
C ARG B 209 -34.89 4.80 -7.99
N ASP B 210 -36.04 4.30 -7.51
CA ASP B 210 -37.22 4.17 -8.35
C ASP B 210 -38.05 5.45 -8.44
N GLU B 211 -37.82 6.39 -7.53
CA GLU B 211 -38.71 7.54 -7.43
C GLU B 211 -38.03 8.91 -7.46
N PHE B 212 -36.77 8.99 -7.01
CA PHE B 212 -36.13 10.29 -6.86
C PHE B 212 -34.81 10.45 -7.61
N LYS B 213 -34.12 9.34 -7.85
CA LYS B 213 -32.77 9.38 -8.39
C LYS B 213 -32.69 10.12 -9.74
N ASP B 214 -33.63 9.86 -10.63
CA ASP B 214 -33.54 10.39 -11.98
C ASP B 214 -33.81 11.88 -12.06
N LEU B 215 -34.40 12.43 -11.00
CA LEU B 215 -34.72 13.86 -10.98
C LEU B 215 -33.47 14.70 -11.13
N ASN B 216 -32.45 14.32 -10.39
CA ASN B 216 -31.24 15.11 -10.28
C ASN B 216 -29.99 14.30 -10.55
N ASP B 217 -30.19 13.04 -10.96
CA ASP B 217 -29.10 12.10 -11.14
C ASP B 217 -28.27 12.00 -9.87
N GLY B 218 -28.97 11.76 -8.76
CA GLY B 218 -28.32 11.69 -7.47
C GLY B 218 -27.82 10.30 -7.12
N GLN B 219 -27.38 10.14 -5.87
CA GLN B 219 -26.79 8.89 -5.44
C GLN B 219 -27.02 8.67 -3.95
N ILE B 220 -27.14 7.41 -3.56
CA ILE B 220 -27.39 7.08 -2.16
C ILE B 220 -26.50 5.90 -1.74
N GLY B 221 -26.10 5.88 -0.48
CA GLY B 221 -25.26 4.81 0.02
C GLY B 221 -25.22 4.77 1.54
N ILE B 222 -24.69 3.68 2.08
CA ILE B 222 -24.51 3.54 3.51
C ILE B 222 -23.09 3.96 3.88
N VAL B 223 -22.90 4.42 5.11
CA VAL B 223 -21.59 4.83 5.61
C VAL B 223 -21.05 3.84 6.63
N LEU B 224 -19.91 3.24 6.31
CA LEU B 224 -19.31 2.25 7.20
C LEU B 224 -17.98 2.75 7.75
N ASN B 225 -17.80 2.62 9.06
CA ASN B 225 -16.50 2.91 9.64
C ASN B 225 -15.61 1.68 9.52
N GLY B 226 -14.34 1.84 9.89
CA GLY B 226 -13.41 0.73 9.82
C GLY B 226 -11.97 1.18 9.89
N ASP B 227 -11.19 0.49 10.72
CA ASP B 227 -9.79 0.82 10.90
C ASP B 227 -8.94 -0.31 10.34
N PHE B 228 -7.91 0.04 9.58
CA PHE B 228 -7.16 -1.00 8.88
C PHE B 228 -6.33 -1.81 9.87
N THR B 229 -5.80 -2.93 9.39
CA THR B 229 -5.10 -3.86 10.25
C THR B 229 -3.79 -4.33 9.66
N TYR B 230 -2.85 -4.65 10.54
CA TYR B 230 -1.59 -5.26 10.15
C TYR B 230 -1.32 -6.43 11.08
N PRO B 231 -0.62 -7.45 10.59
CA PRO B 231 -0.38 -8.61 11.45
C PRO B 231 0.55 -8.25 12.61
N TRP B 232 0.16 -8.68 13.81
CA TRP B 232 1.03 -8.53 14.97
C TRP B 232 2.36 -9.20 14.65
N ASP B 233 2.31 -10.48 14.30
CA ASP B 233 3.49 -11.19 13.80
C ASP B 233 3.26 -11.63 12.35
N SER B 234 3.87 -10.92 11.40
CA SER B 234 3.62 -11.17 9.98
C SER B 234 4.12 -12.54 9.51
N SER B 235 5.02 -13.16 10.27
CA SER B 235 5.53 -14.46 9.86
C SER B 235 4.61 -15.57 10.38
N ASP B 236 3.57 -15.16 11.12
CA ASP B 236 2.60 -16.11 11.65
C ASP B 236 1.29 -16.02 10.88
N PRO B 237 0.96 -17.07 10.12
CA PRO B 237 -0.23 -17.06 9.26
C PRO B 237 -1.54 -16.83 10.01
N LEU B 238 -1.57 -17.18 11.30
CA LEU B 238 -2.77 -16.97 12.11
C LEU B 238 -3.03 -15.50 12.39
N ASP B 239 -1.95 -14.71 12.41
CA ASP B 239 -2.06 -13.27 12.61
C ASP B 239 -2.52 -12.58 11.33
N ARG B 240 -2.04 -13.06 10.19
CA ARG B 240 -2.46 -12.53 8.91
C ARG B 240 -3.93 -12.82 8.71
N GLU B 241 -4.33 -14.03 9.10
CA GLU B 241 -5.74 -14.41 9.06
C GLU B 241 -6.54 -13.58 10.05
N ALA B 242 -5.94 -13.31 11.21
CA ALA B 242 -6.62 -12.52 12.24
C ALA B 242 -6.88 -11.09 11.77
N ALA B 243 -5.85 -10.47 11.20
CA ALA B 243 -5.96 -9.11 10.70
C ALA B 243 -7.06 -9.01 9.64
N GLU B 244 -7.17 -10.04 8.81
CA GLU B 244 -8.20 -10.04 7.78
C GLU B 244 -9.57 -10.23 8.41
N ARG B 245 -9.70 -11.21 9.29
CA ARG B 245 -10.98 -11.49 9.96
C ARG B 245 -11.51 -10.26 10.70
N ARG B 246 -10.61 -9.51 11.31
CA ARG B 246 -10.99 -8.31 12.04
C ARG B 246 -11.65 -7.30 11.10
N LEU B 247 -11.07 -7.15 9.90
CA LEU B 247 -11.69 -6.31 8.89
C LEU B 247 -13.09 -6.81 8.53
N GLU B 248 -13.26 -8.13 8.51
CA GLU B 248 -14.52 -8.71 8.09
C GLU B 248 -15.65 -8.48 9.09
N PHE B 249 -15.35 -8.67 10.38
CA PHE B 249 -16.34 -8.44 11.43
C PHE B 249 -16.69 -6.95 11.54
N PHE B 250 -15.70 -6.10 11.32
CA PHE B 250 -15.88 -4.67 11.54
C PHE B 250 -16.63 -4.01 10.38
N THR B 251 -16.33 -4.45 9.16
CA THR B 251 -16.75 -3.71 7.97
C THR B 251 -17.45 -4.58 6.93
N ALA B 252 -16.88 -5.75 6.62
CA ALA B 252 -17.47 -6.66 5.64
C ALA B 252 -18.82 -7.15 6.13
N TRP B 253 -19.00 -7.13 7.44
CA TRP B 253 -20.29 -7.42 8.08
C TRP B 253 -21.43 -6.77 7.31
N TYR B 254 -21.27 -5.50 6.98
CA TYR B 254 -22.28 -4.77 6.24
C TYR B 254 -22.02 -4.72 4.74
N ALA B 255 -20.75 -4.70 4.35
CA ALA B 255 -20.39 -4.48 2.95
C ALA B 255 -20.48 -5.73 2.08
N ASP B 256 -20.18 -6.89 2.66
CA ASP B 256 -20.32 -8.14 1.92
C ASP B 256 -21.77 -8.40 1.49
N PRO B 257 -22.76 -8.22 2.39
CA PRO B 257 -24.13 -8.41 1.91
C PRO B 257 -24.52 -7.47 0.79
N ILE B 258 -23.98 -6.26 0.83
CA ILE B 258 -24.32 -5.26 -0.17
C ILE B 258 -23.65 -5.54 -1.52
N TYR B 259 -22.40 -6.01 -1.52
CA TYR B 259 -21.70 -6.24 -2.78
C TYR B 259 -21.63 -7.72 -3.19
N LEU B 260 -21.41 -8.60 -2.24
CA LEU B 260 -21.22 -10.02 -2.55
C LEU B 260 -22.50 -10.81 -2.37
N GLY B 261 -23.30 -10.46 -1.34
CA GLY B 261 -24.61 -11.05 -1.18
C GLY B 261 -24.95 -11.61 0.20
N ASP B 262 -23.93 -11.97 0.97
CA ASP B 262 -24.18 -12.54 2.29
C ASP B 262 -23.13 -12.08 3.27
N TYR B 263 -23.32 -12.43 4.54
CA TYR B 263 -22.33 -12.13 5.57
C TYR B 263 -21.05 -12.89 5.26
N PRO B 264 -19.90 -12.36 5.73
CA PRO B 264 -18.63 -13.06 5.56
C PRO B 264 -18.67 -14.43 6.21
N ALA B 265 -17.98 -15.40 5.62
CA ALA B 265 -17.97 -16.77 6.14
C ALA B 265 -17.45 -16.83 7.58
N SER B 266 -16.43 -16.02 7.89
CA SER B 266 -15.83 -16.04 9.21
C SER B 266 -16.85 -15.62 10.28
N MET B 267 -17.77 -14.73 9.91
CA MET B 267 -18.80 -14.30 10.85
C MET B 267 -19.87 -15.37 11.06
N ARG B 268 -20.33 -15.99 9.97
CA ARG B 268 -21.29 -17.08 10.10
C ARG B 268 -20.69 -18.24 10.87
N LYS B 269 -19.38 -18.42 10.73
CA LYS B 269 -18.67 -19.50 11.41
C LYS B 269 -18.69 -19.29 12.93
N GLN B 270 -18.47 -18.05 13.36
CA GLN B 270 -18.40 -17.77 14.78
C GLN B 270 -19.78 -17.57 15.41
N LEU B 271 -20.69 -16.94 14.68
CA LEU B 271 -21.96 -16.53 15.26
C LEU B 271 -23.08 -17.54 15.06
N GLY B 272 -23.01 -18.32 13.98
CA GLY B 272 -24.02 -19.31 13.69
C GLY B 272 -25.39 -18.72 13.41
N ASP B 273 -26.40 -19.25 14.09
CA ASP B 273 -27.79 -18.83 13.89
C ASP B 273 -28.09 -17.45 14.50
N ARG B 274 -27.15 -16.92 15.27
CA ARG B 274 -27.27 -15.56 15.79
C ARG B 274 -27.23 -14.55 14.64
N LEU B 275 -26.64 -14.98 13.54
CA LEU B 275 -26.63 -14.21 12.31
C LEU B 275 -27.79 -14.69 11.43
N PRO B 276 -28.81 -13.84 11.24
CA PRO B 276 -29.97 -14.27 10.47
C PRO B 276 -29.65 -14.46 8.99
N GLU B 277 -30.46 -15.26 8.30
CA GLU B 277 -30.33 -15.40 6.85
C GLU B 277 -31.16 -14.35 6.14
N PHE B 278 -30.67 -13.87 4.99
CA PHE B 278 -31.44 -12.96 4.15
C PHE B 278 -32.53 -13.72 3.37
N THR B 279 -33.78 -13.31 3.55
CA THR B 279 -34.88 -13.84 2.76
C THR B 279 -34.78 -13.34 1.32
N PRO B 280 -35.46 -14.01 0.38
CA PRO B 280 -35.45 -13.53 -1.01
C PRO B 280 -35.89 -12.08 -1.12
N GLU B 281 -36.88 -11.68 -0.34
CA GLU B 281 -37.32 -10.30 -0.31
C GLU B 281 -36.23 -9.39 0.25
N GLU B 282 -35.69 -9.75 1.42
CA GLU B 282 -34.61 -8.98 2.02
C GLU B 282 -33.38 -8.95 1.11
N LYS B 283 -33.11 -10.07 0.44
CA LYS B 283 -31.96 -10.19 -0.46
C LYS B 283 -32.09 -9.20 -1.63
N ALA B 284 -33.31 -9.08 -2.14
CA ALA B 284 -33.61 -8.13 -3.20
C ALA B 284 -33.34 -6.69 -2.76
N PHE B 285 -33.55 -6.43 -1.47
CA PHE B 285 -33.33 -5.11 -0.90
C PHE B 285 -31.84 -4.79 -0.68
N VAL B 286 -31.11 -5.73 -0.09
CA VAL B 286 -29.74 -5.47 0.38
C VAL B 286 -28.68 -5.59 -0.70
N LEU B 287 -28.67 -6.71 -1.42
CA LEU B 287 -27.68 -6.92 -2.48
C LEU B 287 -27.84 -5.88 -3.60
N GLY B 288 -26.80 -5.08 -3.81
CA GLY B 288 -26.80 -4.10 -4.88
C GLY B 288 -27.21 -2.70 -4.42
N SER B 289 -27.39 -2.53 -3.12
CA SER B 289 -27.98 -1.30 -2.58
C SER B 289 -27.00 -0.16 -2.27
N ASN B 290 -25.86 -0.09 -2.98
CA ASN B 290 -24.95 1.05 -2.83
C ASN B 290 -24.64 1.74 -4.17
N ASP B 291 -25.02 3.00 -4.31
CA ASP B 291 -24.61 3.78 -5.48
C ASP B 291 -23.17 4.20 -5.30
N PHE B 292 -22.78 4.37 -4.04
CA PHE B 292 -21.40 4.68 -3.69
C PHE B 292 -21.07 4.03 -2.37
N TYR B 293 -19.78 3.94 -2.07
CA TYR B 293 -19.34 3.42 -0.79
C TYR B 293 -18.97 4.60 0.12
N GLY B 294 -19.76 4.78 1.18
CA GLY B 294 -19.44 5.79 2.18
C GLY B 294 -18.49 5.23 3.21
N MET B 295 -17.36 5.90 3.39
CA MET B 295 -16.30 5.41 4.27
C MET B 295 -15.95 6.38 5.38
N ASN B 296 -16.03 5.92 6.62
CA ASN B 296 -15.44 6.61 7.76
C ASN B 296 -14.16 5.90 8.16
N HIS B 297 -13.07 6.65 8.35
CA HIS B 297 -11.79 6.04 8.69
C HIS B 297 -10.96 6.94 9.59
N TYR B 298 -10.26 6.34 10.54
CA TYR B 298 -9.52 7.12 11.53
C TYR B 298 -8.12 6.58 11.81
N THR B 299 -8.01 5.28 12.03
CA THR B 299 -6.75 4.72 12.52
C THR B 299 -6.46 3.30 12.00
N SER B 300 -5.44 2.67 12.56
CA SER B 300 -5.05 1.31 12.19
C SER B 300 -4.49 0.58 13.40
N ASN B 301 -4.41 -0.74 13.32
CA ASN B 301 -3.97 -1.53 14.46
C ASN B 301 -3.18 -2.77 14.08
N TYR B 302 -2.33 -3.22 14.99
CA TYR B 302 -1.71 -4.52 14.88
C TYR B 302 -2.67 -5.55 15.47
N ILE B 303 -2.87 -6.64 14.75
CA ILE B 303 -3.86 -7.63 15.16
C ILE B 303 -3.20 -8.98 15.48
N ARG B 304 -3.41 -9.44 16.71
CA ARG B 304 -2.86 -10.72 17.14
C ARG B 304 -3.98 -11.73 17.34
N HIS B 305 -3.80 -12.93 16.80
CA HIS B 305 -4.78 -14.00 17.00
C HIS B 305 -4.82 -14.36 18.48
N ARG B 306 -5.97 -14.85 18.93
CA ARG B 306 -6.13 -15.21 20.33
C ARG B 306 -6.00 -16.71 20.53
N THR B 307 -5.65 -17.10 21.76
CA THR B 307 -5.47 -18.50 22.09
C THR B 307 -6.81 -19.21 22.25
N SER B 308 -7.70 -18.61 23.03
CA SER B 308 -9.03 -19.18 23.26
C SER B 308 -10.01 -18.78 22.15
N PRO B 309 -11.12 -19.52 22.02
CA PRO B 309 -12.19 -19.22 21.08
C PRO B 309 -12.97 -17.95 21.41
N ALA B 310 -13.83 -17.54 20.49
CA ALA B 310 -14.70 -16.39 20.70
C ALA B 310 -15.70 -16.65 21.83
N THR B 311 -15.71 -15.74 22.79
CA THR B 311 -16.74 -15.76 23.83
C THR B 311 -18.09 -15.42 23.19
N ALA B 312 -19.18 -15.66 23.92
CA ALA B 312 -20.50 -15.35 23.41
C ALA B 312 -20.67 -13.85 23.19
N ASP B 313 -20.02 -13.04 24.01
CA ASP B 313 -20.18 -11.59 23.94
C ASP B 313 -19.11 -10.93 23.09
N ASP B 314 -18.34 -11.73 22.37
CA ASP B 314 -17.31 -11.20 21.47
C ASP B 314 -17.97 -10.53 20.27
N THR B 315 -17.42 -9.38 19.88
CA THR B 315 -17.94 -8.66 18.72
C THR B 315 -16.86 -8.35 17.67
N VAL B 316 -15.58 -8.47 18.02
CA VAL B 316 -14.50 -8.09 17.09
C VAL B 316 -13.93 -9.23 16.25
N GLY B 317 -14.40 -10.46 16.46
CA GLY B 317 -13.91 -11.59 15.70
C GLY B 317 -12.80 -12.35 16.39
N ASN B 318 -12.79 -12.31 17.72
CA ASN B 318 -11.83 -13.09 18.53
C ASN B 318 -10.38 -12.75 18.22
N VAL B 319 -10.04 -11.47 18.32
CA VAL B 319 -8.67 -11.02 18.08
C VAL B 319 -8.25 -9.98 19.13
N ASP B 320 -6.94 -9.79 19.26
CA ASP B 320 -6.41 -8.72 20.09
C ASP B 320 -6.13 -7.51 19.22
N VAL B 321 -6.70 -6.37 19.60
CA VAL B 321 -6.47 -5.13 18.87
C VAL B 321 -5.40 -4.30 19.58
N LEU B 322 -4.21 -4.24 19.00
CA LEU B 322 -3.05 -3.63 19.66
C LEU B 322 -2.43 -2.47 18.88
N PHE B 323 -1.53 -1.74 19.53
CA PHE B 323 -0.84 -0.64 18.87
C PHE B 323 0.66 -0.90 18.77
N TYR B 324 1.06 -2.11 19.15
CA TYR B 324 2.44 -2.56 19.02
C TYR B 324 2.46 -3.97 18.41
N ASN B 325 3.41 -4.24 17.52
CA ASN B 325 3.57 -5.60 17.00
C ASN B 325 4.64 -6.35 17.80
N LYS B 326 4.94 -7.57 17.37
CA LYS B 326 5.87 -8.45 18.08
C LYS B 326 7.27 -7.86 18.11
N GLU B 327 7.62 -7.11 17.07
CA GLU B 327 8.96 -6.57 16.94
C GLU B 327 9.11 -5.31 17.79
N GLY B 328 7.99 -4.86 18.36
CA GLY B 328 7.99 -3.67 19.18
C GLY B 328 7.72 -2.39 18.42
N GLN B 329 7.34 -2.51 17.15
CA GLN B 329 6.98 -1.36 16.32
C GLN B 329 5.67 -0.75 16.81
N CYS B 330 5.58 0.57 16.77
CA CYS B 330 4.38 1.28 17.21
C CYS B 330 3.61 1.84 16.01
N ILE B 331 2.28 1.90 16.12
CA ILE B 331 1.44 2.44 15.05
C ILE B 331 1.65 3.93 14.89
N GLY B 332 1.50 4.68 15.98
CA GLY B 332 1.73 6.11 15.96
C GLY B 332 1.54 6.76 17.31
N PRO B 333 1.59 8.10 17.35
CA PRO B 333 1.44 8.89 18.58
C PRO B 333 0.06 8.74 19.22
N GLU B 334 -0.04 9.04 20.51
CA GLU B 334 -1.31 8.98 21.22
C GLU B 334 -2.16 10.21 20.95
N THR B 335 -3.47 10.03 21.03
CA THR B 335 -4.41 11.13 20.95
C THR B 335 -5.25 11.15 22.22
N GLU B 336 -6.33 11.92 22.23
CA GLU B 336 -7.25 11.93 23.36
C GLU B 336 -8.04 10.63 23.41
N SER B 337 -8.25 10.02 22.25
CA SER B 337 -8.96 8.75 22.12
C SER B 337 -7.98 7.59 22.22
N SER B 338 -8.23 6.67 23.14
CA SER B 338 -7.29 5.57 23.38
C SER B 338 -7.27 4.57 22.22
N TRP B 339 -8.27 4.66 21.34
CA TRP B 339 -8.38 3.78 20.19
C TRP B 339 -7.84 4.41 18.90
N LEU B 340 -7.48 5.70 18.97
CA LEU B 340 -7.09 6.43 17.77
C LEU B 340 -5.62 6.84 17.78
N ARG B 341 -4.88 6.34 16.77
CA ARG B 341 -3.50 6.73 16.55
C ARG B 341 -3.27 6.93 15.07
N PRO B 342 -2.57 8.01 14.70
CA PRO B 342 -2.34 8.37 13.29
C PRO B 342 -1.56 7.31 12.52
N CYS B 343 -2.11 6.87 11.40
CA CYS B 343 -1.45 5.91 10.54
C CYS B 343 -1.92 6.12 9.10
N PRO B 344 -1.32 7.11 8.42
CA PRO B 344 -1.73 7.51 7.07
C PRO B 344 -1.72 6.35 6.07
N ALA B 345 -0.72 5.48 6.16
CA ALA B 345 -0.58 4.36 5.25
C ALA B 345 -1.79 3.42 5.29
N GLY B 346 -2.34 3.24 6.48
CA GLY B 346 -3.51 2.38 6.67
C GLY B 346 -4.75 2.94 5.99
N PHE B 347 -4.85 4.27 5.96
CA PHE B 347 -5.93 4.95 5.25
C PHE B 347 -5.92 4.53 3.78
N ARG B 348 -4.77 4.73 3.13
CA ARG B 348 -4.59 4.30 1.76
C ARG B 348 -4.82 2.79 1.64
N ASP B 349 -4.31 2.03 2.60
CA ASP B 349 -4.46 0.58 2.57
C ASP B 349 -5.94 0.17 2.68
N PHE B 350 -6.71 0.90 3.47
CA PHE B 350 -8.13 0.58 3.59
C PHE B 350 -8.86 0.92 2.30
N LEU B 351 -8.46 2.01 1.66
CA LEU B 351 -9.08 2.44 0.41
C LEU B 351 -8.89 1.39 -0.69
N VAL B 352 -7.70 0.83 -0.74
CA VAL B 352 -7.37 -0.23 -1.70
C VAL B 352 -8.06 -1.55 -1.32
N TRP B 353 -8.15 -1.82 -0.02
CA TRP B 353 -8.76 -3.06 0.46
C TRP B 353 -10.24 -3.13 0.08
N ILE B 354 -10.96 -2.03 0.32
CA ILE B 354 -12.34 -1.86 -0.13
C ILE B 354 -12.46 -2.06 -1.64
N SER B 355 -11.55 -1.45 -2.38
CA SER B 355 -11.58 -1.48 -3.83
C SER B 355 -11.38 -2.88 -4.38
N LYS B 356 -10.38 -3.59 -3.87
CA LYS B 356 -10.12 -4.96 -4.30
C LYS B 356 -11.27 -5.89 -3.95
N ARG B 357 -11.78 -5.78 -2.72
CA ARG B 357 -12.81 -6.71 -2.27
C ARG B 357 -14.15 -6.44 -2.95
N TYR B 358 -14.43 -5.18 -3.22
CA TYR B 358 -15.74 -4.78 -3.73
C TYR B 358 -15.69 -4.20 -5.13
N ASN B 359 -14.59 -4.47 -5.81
CA ASN B 359 -14.43 -4.16 -7.24
C ASN B 359 -14.53 -2.68 -7.56
N TYR B 360 -13.73 -1.90 -6.84
CA TYR B 360 -13.51 -0.49 -7.09
C TYR B 360 -14.79 0.34 -7.24
N PRO B 361 -15.59 0.39 -6.15
CA PRO B 361 -16.80 1.22 -6.16
C PRO B 361 -16.47 2.68 -6.03
N LYS B 362 -17.44 3.54 -6.33
CA LYS B 362 -17.32 4.95 -6.03
C LYS B 362 -17.22 5.09 -4.52
N ILE B 363 -16.24 5.85 -4.05
CA ILE B 363 -16.05 6.03 -2.62
C ILE B 363 -16.09 7.50 -2.22
N TYR B 364 -16.86 7.78 -1.17
CA TYR B 364 -16.78 9.07 -0.51
C TYR B 364 -16.27 8.86 0.91
N VAL B 365 -15.15 9.50 1.23
CA VAL B 365 -14.64 9.48 2.59
C VAL B 365 -15.43 10.48 3.41
N THR B 366 -16.46 9.98 4.09
CA THR B 366 -17.42 10.84 4.80
C THR B 366 -16.95 11.32 6.18
N GLU B 367 -15.94 10.65 6.73
CA GLU B 367 -15.32 11.07 7.99
C GLU B 367 -13.84 10.70 8.03
N ASN B 368 -13.01 11.69 8.35
CA ASN B 368 -11.60 11.47 8.68
C ASN B 368 -11.17 12.63 9.57
N GLY B 369 -10.57 12.31 10.71
CA GLY B 369 -10.19 13.34 11.66
C GLY B 369 -9.47 12.77 12.87
N THR B 370 -9.11 13.63 13.80
CA THR B 370 -8.38 13.16 14.98
C THR B 370 -8.68 14.02 16.20
N SER B 371 -8.62 13.39 17.37
CA SER B 371 -8.66 14.12 18.63
C SER B 371 -7.22 14.43 19.01
N LEU B 372 -7.02 15.15 20.10
CA LEU B 372 -5.69 15.58 20.49
C LEU B 372 -5.52 15.49 22.00
N LYS B 373 -4.53 14.72 22.44
CA LYS B 373 -4.38 14.39 23.85
C LYS B 373 -4.08 15.64 24.69
N GLY B 374 -4.98 15.95 25.62
CA GLY B 374 -4.81 17.09 26.50
C GLY B 374 -5.24 18.42 25.89
N GLU B 375 -5.95 18.35 24.77
CA GLU B 375 -6.40 19.55 24.08
C GLU B 375 -7.38 20.36 24.92
N ASN B 376 -8.23 19.66 25.66
CA ASN B 376 -9.28 20.31 26.43
C ASN B 376 -8.74 21.18 27.57
N ASP B 377 -7.47 20.97 27.93
CA ASP B 377 -6.86 21.71 29.03
C ASP B 377 -5.89 22.79 28.57
N LEU B 378 -5.54 22.76 27.28
CA LEU B 378 -4.62 23.74 26.72
C LEU B 378 -5.23 25.15 26.72
N PRO B 379 -4.37 26.17 26.84
CA PRO B 379 -4.83 27.56 26.68
C PRO B 379 -5.34 27.80 25.26
N LYS B 380 -6.28 28.73 25.10
CA LYS B 380 -6.96 28.95 23.83
C LYS B 380 -5.97 29.24 22.70
N GLU B 381 -4.93 30.00 23.02
CA GLU B 381 -3.90 30.35 22.05
C GLU B 381 -3.24 29.12 21.44
N LYS B 382 -2.95 28.13 22.29
CA LYS B 382 -2.27 26.91 21.83
C LYS B 382 -3.25 25.91 21.20
N ILE B 383 -4.52 25.98 21.59
CA ILE B 383 -5.54 25.11 21.00
C ILE B 383 -5.62 25.35 19.50
N LEU B 384 -5.67 26.63 19.11
CA LEU B 384 -5.81 27.01 17.72
C LEU B 384 -4.64 26.51 16.88
N GLU B 385 -3.48 26.36 17.50
CA GLU B 385 -2.30 25.89 16.79
C GLU B 385 -2.12 24.38 16.97
N ASP B 386 -3.05 23.64 16.38
CA ASP B 386 -3.07 22.18 16.50
C ASP B 386 -2.23 21.51 15.42
N ASP B 387 -0.91 21.67 15.51
CA ASP B 387 0.01 21.09 14.53
C ASP B 387 -0.17 19.59 14.38
N PHE B 388 -0.54 18.93 15.47
CA PHE B 388 -0.77 17.49 15.46
C PHE B 388 -1.88 17.11 14.47
N ARG B 389 -2.93 17.92 14.45
CA ARG B 389 -4.08 17.70 13.58
C ARG B 389 -3.79 18.20 12.16
N VAL B 390 -2.99 19.26 12.06
CA VAL B 390 -2.55 19.75 10.76
C VAL B 390 -1.80 18.64 10.03
N ASN B 391 -0.85 18.04 10.72
CA ASN B 391 -0.06 16.96 10.15
C ASN B 391 -0.92 15.73 9.85
N TYR B 392 -1.85 15.42 10.75
CA TYR B 392 -2.77 14.31 10.53
C TYR B 392 -3.48 14.45 9.19
N TYR B 393 -4.14 15.58 8.98
CA TYR B 393 -4.87 15.80 7.74
C TYR B 393 -3.93 15.83 6.54
N ASN B 394 -2.77 16.45 6.68
CA ASN B 394 -1.85 16.55 5.56
C ASN B 394 -1.43 15.17 5.07
N GLU B 395 -1.06 14.30 6.00
CA GLU B 395 -0.56 12.99 5.60
C GLU B 395 -1.66 12.02 5.18
N TYR B 396 -2.82 12.12 5.81
CA TYR B 396 -3.96 11.27 5.43
C TYR B 396 -4.49 11.66 4.05
N ILE B 397 -4.67 12.95 3.81
CA ILE B 397 -5.20 13.42 2.55
C ILE B 397 -4.25 13.10 1.39
N ARG B 398 -2.95 13.25 1.62
CA ARG B 398 -1.97 12.93 0.59
C ARG B 398 -1.90 11.41 0.39
N ALA B 399 -2.22 10.66 1.44
CA ALA B 399 -2.29 9.20 1.36
C ALA B 399 -3.46 8.84 0.46
N MET B 400 -4.59 9.49 0.68
CA MET B 400 -5.74 9.35 -0.19
C MET B 400 -5.41 9.69 -1.63
N PHE B 401 -4.70 10.80 -1.82
CA PHE B 401 -4.32 11.26 -3.14
C PHE B 401 -3.58 10.15 -3.91
N THR B 402 -2.63 9.52 -3.23
CA THR B 402 -1.85 8.45 -3.85
C THR B 402 -2.76 7.28 -4.23
N ALA B 403 -3.71 6.95 -3.36
CA ALA B 403 -4.64 5.87 -3.63
C ALA B 403 -5.47 6.16 -4.89
N ALA B 404 -5.87 7.42 -5.05
CA ALA B 404 -6.69 7.83 -6.17
C ALA B 404 -5.91 7.93 -7.48
N THR B 405 -4.66 8.38 -7.42
CA THR B 405 -3.90 8.66 -8.63
C THR B 405 -2.96 7.54 -9.06
N LEU B 406 -2.65 6.63 -8.13
CA LEU B 406 -1.76 5.52 -8.45
C LEU B 406 -2.55 4.22 -8.50
N ASP B 407 -3.07 3.81 -7.35
CA ASP B 407 -3.88 2.60 -7.28
C ASP B 407 -5.14 2.73 -8.14
N GLY B 408 -5.63 3.95 -8.29
CA GLY B 408 -6.84 4.21 -9.06
C GLY B 408 -8.10 3.98 -8.25
N VAL B 409 -7.98 4.03 -6.93
CA VAL B 409 -9.16 3.99 -6.07
C VAL B 409 -10.13 5.07 -6.50
N ASN B 410 -11.39 4.69 -6.72
CA ASN B 410 -12.37 5.63 -7.23
C ASN B 410 -12.97 6.50 -6.12
N VAL B 411 -12.10 7.14 -5.34
CA VAL B 411 -12.56 8.03 -4.31
C VAL B 411 -12.87 9.38 -4.94
N LYS B 412 -14.10 9.86 -4.73
CA LYS B 412 -14.59 11.06 -5.42
C LYS B 412 -14.91 12.21 -4.47
N GLY B 413 -14.71 11.99 -3.17
CA GLY B 413 -15.00 13.02 -2.18
C GLY B 413 -14.39 12.71 -0.83
N TYR B 414 -14.17 13.76 -0.02
CA TYR B 414 -13.52 13.62 1.27
C TYR B 414 -14.08 14.64 2.25
N PHE B 415 -14.43 14.19 3.45
CA PHE B 415 -15.01 15.07 4.46
C PHE B 415 -14.25 15.00 5.77
N ALA B 416 -13.88 16.16 6.30
CA ALA B 416 -13.11 16.23 7.53
C ALA B 416 -14.03 16.20 8.75
N TRP B 417 -13.81 15.24 9.64
CA TRP B 417 -14.53 15.23 10.91
C TRP B 417 -13.67 15.85 12.01
N SER B 418 -14.16 16.90 12.65
CA SER B 418 -15.47 17.48 12.38
C SER B 418 -15.33 18.96 12.10
N LEU B 419 -16.41 19.57 11.62
CA LEU B 419 -16.41 21.01 11.37
C LEU B 419 -15.99 21.78 12.63
N MET B 420 -16.43 21.30 13.79
CA MET B 420 -16.10 21.97 15.05
C MET B 420 -16.18 21.03 16.23
N ASP B 421 -15.55 21.41 17.34
CA ASP B 421 -15.66 20.66 18.58
C ASP B 421 -17.14 20.51 18.91
N ASN B 422 -17.55 19.30 19.30
CA ASN B 422 -18.95 19.04 19.60
C ASN B 422 -19.12 17.94 20.64
N PHE B 423 -20.36 17.49 20.82
CA PHE B 423 -20.68 16.44 21.79
C PHE B 423 -20.15 15.09 21.31
N GLU B 424 -19.05 14.63 21.92
CA GLU B 424 -18.44 13.37 21.54
C GLU B 424 -19.11 12.17 22.21
N TRP B 425 -20.43 12.12 22.14
CA TRP B 425 -21.22 10.98 22.65
C TRP B 425 -20.86 10.61 24.09
N ALA B 426 -20.50 9.35 24.32
CA ALA B 426 -20.22 8.87 25.67
C ALA B 426 -19.01 9.57 26.31
N ASP B 427 -18.27 10.34 25.52
CA ASP B 427 -17.13 11.11 26.02
C ASP B 427 -17.50 12.52 26.46
N GLY B 428 -18.67 13.00 26.06
CA GLY B 428 -19.04 14.37 26.33
C GLY B 428 -18.22 15.36 25.51
N TYR B 429 -17.79 16.45 26.14
CA TYR B 429 -17.12 17.53 25.40
C TYR B 429 -15.61 17.58 25.62
N VAL B 430 -15.09 16.69 26.46
CA VAL B 430 -13.65 16.68 26.76
C VAL B 430 -12.82 16.26 25.55
N THR B 431 -13.37 15.38 24.71
CA THR B 431 -12.69 14.97 23.50
C THR B 431 -13.10 15.86 22.32
N ARG B 432 -12.12 16.51 21.70
CA ARG B 432 -12.40 17.44 20.61
C ARG B 432 -11.91 16.91 19.27
N PHE B 433 -12.81 16.85 18.29
CA PHE B 433 -12.46 16.40 16.94
C PHE B 433 -12.53 17.54 15.94
N GLY B 434 -12.85 18.73 16.42
CA GLY B 434 -13.06 19.88 15.56
C GLY B 434 -11.83 20.50 14.94
N VAL B 435 -12.00 21.03 13.73
CA VAL B 435 -10.98 21.85 13.09
C VAL B 435 -11.25 23.30 13.47
N THR B 436 -12.43 23.54 14.01
CA THR B 436 -12.82 24.85 14.52
C THR B 436 -13.06 24.76 16.01
N TYR B 437 -12.40 25.63 16.77
CA TYR B 437 -12.56 25.63 18.22
C TYR B 437 -13.89 26.25 18.63
N VAL B 438 -14.60 25.58 19.52
CA VAL B 438 -15.81 26.13 20.09
C VAL B 438 -15.60 26.43 21.57
N ASP B 439 -15.60 27.70 21.91
CA ASP B 439 -15.42 28.13 23.29
C ASP B 439 -16.75 28.07 24.04
N TYR B 440 -17.12 26.89 24.53
CA TYR B 440 -18.40 26.71 25.20
C TYR B 440 -18.62 27.66 26.37
N GLU B 441 -17.54 28.00 27.06
CA GLU B 441 -17.60 28.83 28.25
C GLU B 441 -17.70 30.31 27.92
N ASN B 442 -17.73 30.62 26.64
CA ASN B 442 -17.84 32.01 26.18
C ASN B 442 -18.71 32.13 24.94
N GLY B 443 -20.00 31.86 25.08
CA GLY B 443 -20.96 32.05 24.01
C GLY B 443 -20.86 31.06 22.87
N GLN B 444 -20.13 29.97 23.11
CA GLN B 444 -19.95 28.91 22.11
C GLN B 444 -19.52 29.47 20.77
N GLN B 445 -18.61 30.43 20.81
CA GLN B 445 -18.11 31.09 19.60
C GLN B 445 -17.16 30.18 18.83
N ARG B 446 -17.09 30.40 17.52
CA ARG B 446 -16.26 29.60 16.64
C ARG B 446 -14.91 30.26 16.38
N PHE B 447 -13.83 29.50 16.58
CA PHE B 447 -12.49 29.97 16.27
C PHE B 447 -11.74 28.91 15.47
N PRO B 448 -11.61 29.12 14.15
CA PRO B 448 -10.96 28.14 13.28
C PRO B 448 -9.53 27.84 13.74
N LYS B 449 -9.20 26.57 13.93
CA LYS B 449 -7.85 26.21 14.34
C LYS B 449 -6.95 26.20 13.12
N LYS B 450 -5.65 26.06 13.35
CA LYS B 450 -4.68 26.00 12.26
C LYS B 450 -5.05 24.93 11.23
N SER B 451 -5.63 23.83 11.71
CA SER B 451 -6.00 22.71 10.85
C SER B 451 -7.14 23.07 9.88
N ALA B 452 -8.09 23.89 10.35
CA ALA B 452 -9.21 24.32 9.51
C ALA B 452 -8.70 25.10 8.31
N LYS B 453 -7.74 25.98 8.56
CA LYS B 453 -7.22 26.89 7.53
C LYS B 453 -6.29 26.17 6.55
N SER B 454 -5.71 25.06 6.98
CA SER B 454 -4.72 24.35 6.18
C SER B 454 -5.36 23.56 5.04
N LEU B 455 -6.65 23.24 5.18
CA LEU B 455 -7.29 22.31 4.25
C LEU B 455 -7.50 22.87 2.84
N LYS B 456 -8.04 24.08 2.76
CA LYS B 456 -8.32 24.70 1.47
C LYS B 456 -7.09 24.81 0.56
N PRO B 457 -5.94 25.28 1.09
CA PRO B 457 -4.79 25.34 0.16
C PRO B 457 -4.30 23.96 -0.23
N LEU B 458 -4.47 23.00 0.66
CA LEU B 458 -4.05 21.64 0.37
C LEU B 458 -4.85 21.08 -0.80
N PHE B 459 -6.16 21.31 -0.78
CA PHE B 459 -7.02 20.76 -1.83
C PHE B 459 -6.97 21.56 -3.14
N ASP B 460 -6.70 22.85 -3.07
CA ASP B 460 -6.51 23.64 -4.29
C ASP B 460 -5.26 23.17 -5.03
N GLU B 461 -4.33 22.58 -4.29
CA GLU B 461 -3.13 22.00 -4.85
C GLU B 461 -3.40 20.61 -5.46
N LEU B 462 -4.35 19.88 -4.87
CA LEU B 462 -4.62 18.50 -5.28
C LEU B 462 -5.75 18.37 -6.30
N ILE B 463 -6.80 19.18 -6.16
CA ILE B 463 -7.89 19.16 -7.12
C ILE B 463 -7.54 20.00 -8.34
N ALA B 464 -7.50 19.37 -9.50
CA ALA B 464 -7.04 20.00 -10.73
C ALA B 464 -7.87 21.23 -11.10
N LYS B 465 -7.27 22.10 -11.92
CA LYS B 465 -7.93 23.30 -12.40
C LYS B 465 -8.01 23.30 -13.92
#